data_8Q6X
#
_entry.id   8Q6X
#
_cell.length_a   63.166
_cell.length_b   95.544
_cell.length_c   81.459
_cell.angle_alpha   90.00
_cell.angle_beta   109.22
_cell.angle_gamma   90.00
#
_symmetry.space_group_name_H-M   'P 1 21 1'
#
loop_
_entity.id
_entity.type
_entity.pdbx_description
1 polymer 'Cytochrome P450'
2 non-polymer 'PROTOPORPHYRIN IX CONTAINING FE'
3 water water
#
_entity_poly.entity_id   1
_entity_poly.type   'polypeptide(L)'
_entity_poly.pdbx_seq_one_letter_code
;MTTHAEPILDFPFTWDGTHLPAQIGELAPVVKVRTIAGAEAWLVSSYELVKQVLEDDRFSLKNTSDPGVPRQYALTIPPE
VVNNMGNITGAGLRKAVMKAINPKAPGLQEWMEEHAAELVERMLKHGAPVDIRSMFTDPFSEAMHCQILGIPHEAAPLLS
ESLPIAFMNSPREIPAARLNWDRDIAYMTARLDDTEQGLIGDLAKLRGTEGYEHVSDEMFATVGVTLFGAGVISTAGFLA
MALVTLLTHPEEADHLADHPELMPQAVDELLRINLSIGDGLPRLAMEDMTLGEVEVKKGELVLVLPEGANFDPSVFPDPH
RLDFTRANSSAHFSFGGGSHYCPATALGKKHAEIGLRAVLAAMPRLRLAVPVEQLVWRTGFMKRLPERLPVMWGSGLVPR
GSHHHHHHHH
;
_entity_poly.pdbx_strand_id   A,B
#
loop_
_chem_comp.id
_chem_comp.type
_chem_comp.name
_chem_comp.formula
HEM non-polymer 'PROTOPORPHYRIN IX CONTAINING FE' 'C34 H32 Fe N4 O4'
#
# COMPACT_ATOMS: atom_id res chain seq x y z
N LEU A 9 -6.74 -18.09 -21.24
CA LEU A 9 -5.68 -17.76 -20.21
C LEU A 9 -5.53 -16.24 -20.08
N ASP A 10 -5.78 -15.71 -18.88
CA ASP A 10 -5.64 -14.27 -18.55
C ASP A 10 -4.18 -13.97 -18.22
N PHE A 11 -3.71 -12.82 -18.67
CA PHE A 11 -2.41 -12.22 -18.31
C PHE A 11 -2.67 -10.83 -17.77
N PRO A 12 -1.99 -10.36 -16.69
CA PRO A 12 -0.98 -11.13 -15.97
C PRO A 12 -1.46 -12.26 -15.08
N PHE A 13 -0.52 -12.95 -14.45
CA PHE A 13 -0.81 -14.17 -13.67
C PHE A 13 -0.95 -13.83 -12.19
N THR A 14 -0.07 -13.01 -11.62
CA THR A 14 -0.08 -12.75 -10.16
C THR A 14 0.73 -11.49 -9.87
N TRP A 15 0.36 -10.75 -8.82
CA TRP A 15 1.10 -9.55 -8.41
C TRP A 15 2.07 -9.90 -7.28
N ASP A 16 2.01 -11.13 -6.80
CA ASP A 16 2.90 -11.64 -5.74
C ASP A 16 4.31 -11.83 -6.33
N GLY A 17 5.29 -11.06 -5.85
CA GLY A 17 6.68 -11.07 -6.34
C GLY A 17 7.61 -11.88 -5.44
N THR A 18 7.10 -12.77 -4.58
CA THR A 18 7.97 -13.55 -3.65
C THR A 18 8.73 -14.64 -4.41
N HIS A 19 8.20 -15.16 -5.50
CA HIS A 19 8.85 -16.23 -6.30
C HIS A 19 8.23 -16.22 -7.70
N LEU A 20 8.87 -16.91 -8.63
CA LEU A 20 8.37 -16.97 -10.02
C LEU A 20 6.97 -17.56 -9.98
N PRO A 21 5.96 -16.98 -10.66
CA PRO A 21 4.65 -17.62 -10.75
C PRO A 21 4.77 -19.05 -11.25
N ALA A 22 3.95 -19.94 -10.67
CA ALA A 22 3.90 -21.38 -11.05
C ALA A 22 3.52 -21.52 -12.53
N GLN A 23 2.79 -20.56 -13.07
CA GLN A 23 2.26 -20.64 -14.45
C GLN A 23 3.42 -20.58 -15.46
N ILE A 24 4.53 -19.90 -15.14
CA ILE A 24 5.63 -19.65 -16.12
C ILE A 24 6.16 -21.00 -16.64
N GLY A 25 6.51 -21.92 -15.73
CA GLY A 25 6.98 -23.29 -16.04
C GLY A 25 5.98 -24.11 -16.83
N GLU A 26 4.72 -23.70 -16.89
CA GLU A 26 3.64 -24.44 -17.60
C GLU A 26 3.37 -23.85 -19.00
N LEU A 27 3.97 -22.72 -19.38
CA LEU A 27 3.65 -22.07 -20.68
C LEU A 27 4.45 -22.76 -21.78
N ALA A 28 3.81 -22.99 -22.93
CA ALA A 28 4.49 -23.15 -24.23
C ALA A 28 5.20 -21.84 -24.55
N PRO A 29 6.27 -21.87 -25.35
CA PRO A 29 7.03 -20.67 -25.68
C PRO A 29 6.24 -19.46 -26.18
N VAL A 30 5.14 -19.71 -26.91
CA VAL A 30 4.22 -18.66 -27.40
C VAL A 30 2.81 -19.13 -27.11
N VAL A 31 2.01 -18.35 -26.40
CA VAL A 31 0.62 -18.77 -26.07
C VAL A 31 -0.28 -17.55 -26.13
N LYS A 32 -1.51 -17.82 -26.54
CA LYS A 32 -2.62 -16.85 -26.66
C LYS A 32 -3.07 -16.46 -25.25
N VAL A 33 -3.11 -15.17 -24.96
CA VAL A 33 -3.64 -14.67 -23.66
C VAL A 33 -4.69 -13.60 -23.93
N ARG A 34 -5.51 -13.36 -22.93
CA ARG A 34 -6.44 -12.21 -22.84
C ARG A 34 -5.79 -11.16 -21.92
N THR A 35 -5.70 -9.94 -22.38
CA THR A 35 -5.06 -8.82 -21.66
C THR A 35 -6.05 -8.13 -20.73
N ILE A 36 -5.53 -7.23 -19.90
CA ILE A 36 -6.32 -6.45 -18.91
C ILE A 36 -7.29 -5.55 -19.70
N ALA A 37 -6.90 -5.03 -20.85
CA ALA A 37 -7.80 -4.23 -21.72
C ALA A 37 -8.76 -5.14 -22.51
N GLY A 38 -8.67 -6.47 -22.42
CA GLY A 38 -9.63 -7.42 -23.00
C GLY A 38 -9.25 -7.87 -24.40
N ALA A 39 -8.10 -7.45 -24.92
CA ALA A 39 -7.59 -7.80 -26.26
C ALA A 39 -6.88 -9.15 -26.22
N GLU A 40 -6.62 -9.71 -27.40
CA GLU A 40 -5.85 -10.97 -27.55
C GLU A 40 -4.39 -10.57 -27.76
N ALA A 41 -3.47 -11.36 -27.24
CA ALA A 41 -2.03 -11.12 -27.42
C ALA A 41 -1.31 -12.45 -27.42
N TRP A 42 -0.13 -12.45 -28.04
CA TRP A 42 0.81 -13.59 -28.04
C TRP A 42 1.85 -13.37 -26.95
N LEU A 43 1.79 -14.15 -25.89
CA LEU A 43 2.76 -14.09 -24.77
C LEU A 43 3.94 -14.97 -25.15
N VAL A 44 5.12 -14.36 -25.26
CA VAL A 44 6.41 -15.01 -25.63
C VAL A 44 7.28 -15.14 -24.38
N SER A 45 7.65 -16.37 -23.98
CA SER A 45 8.28 -16.66 -22.67
C SER A 45 9.56 -17.51 -22.72
N SER A 46 10.00 -18.03 -23.85
CA SER A 46 11.29 -18.78 -23.89
C SER A 46 12.39 -17.76 -24.21
N TYR A 47 13.61 -18.01 -23.76
CA TYR A 47 14.79 -17.15 -24.01
C TYR A 47 14.99 -16.95 -25.52
N GLU A 48 15.04 -18.05 -26.27
CA GLU A 48 15.21 -18.03 -27.75
C GLU A 48 14.17 -17.10 -28.41
N LEU A 49 12.88 -17.20 -28.07
CA LEU A 49 11.83 -16.43 -28.79
C LEU A 49 11.74 -15.00 -28.25
N VAL A 50 12.14 -14.76 -26.99
CA VAL A 50 12.19 -13.38 -26.43
C VAL A 50 13.29 -12.64 -27.17
N LYS A 51 14.42 -13.31 -27.36
CA LYS A 51 15.60 -12.74 -28.07
C LYS A 51 15.18 -12.43 -29.51
N GLN A 52 14.52 -13.40 -30.16
CA GLN A 52 14.07 -13.24 -31.56
C GLN A 52 13.24 -11.95 -31.67
N VAL A 53 12.16 -11.84 -30.89
CA VAL A 53 11.20 -10.72 -31.02
C VAL A 53 11.93 -9.39 -30.79
N LEU A 54 12.72 -9.32 -29.71
CA LEU A 54 13.30 -8.04 -29.26
C LEU A 54 14.30 -7.56 -30.31
N GLU A 55 14.95 -8.50 -31.03
CA GLU A 55 16.04 -8.15 -31.98
C GLU A 55 15.50 -7.99 -33.41
N ASP A 56 14.19 -8.11 -33.61
CA ASP A 56 13.51 -7.94 -34.94
C ASP A 56 12.58 -6.73 -34.90
N ASP A 57 12.98 -5.64 -35.55
CA ASP A 57 12.21 -4.37 -35.59
C ASP A 57 10.88 -4.53 -36.35
N ARG A 58 10.58 -5.68 -36.93
CA ARG A 58 9.23 -5.90 -37.53
C ARG A 58 8.18 -6.11 -36.44
N PHE A 59 8.64 -6.46 -35.23
CA PHE A 59 7.87 -6.34 -33.96
C PHE A 59 8.13 -4.93 -33.42
N SER A 60 7.16 -4.04 -33.60
CA SER A 60 7.29 -2.58 -33.40
C SER A 60 6.80 -2.17 -32.00
N LEU A 61 7.63 -1.48 -31.23
CA LEU A 61 7.18 -0.86 -29.94
C LEU A 61 6.36 0.43 -30.22
N LYS A 62 6.87 1.34 -31.05
CA LYS A 62 6.17 2.61 -31.40
C LYS A 62 4.72 2.35 -31.81
N ASN A 63 4.45 1.31 -32.58
CA ASN A 63 3.09 1.10 -33.17
C ASN A 63 2.11 0.56 -32.14
N THR A 64 2.59 0.08 -30.98
CA THR A 64 1.70 -0.42 -29.88
C THR A 64 0.86 0.73 -29.30
N SER A 65 1.23 1.98 -29.52
CA SER A 65 0.48 3.15 -28.99
C SER A 65 -0.31 3.84 -30.11
N ASP A 66 -0.46 3.19 -31.26
CA ASP A 66 -1.31 3.67 -32.39
C ASP A 66 -2.77 3.59 -31.96
N PRO A 67 -3.64 4.53 -32.40
CA PRO A 67 -5.08 4.43 -32.13
C PRO A 67 -5.65 3.15 -32.76
N GLY A 68 -6.54 2.43 -32.06
CA GLY A 68 -7.30 1.31 -32.65
C GLY A 68 -6.66 -0.06 -32.46
N VAL A 69 -5.37 -0.16 -32.13
CA VAL A 69 -4.66 -1.47 -32.10
C VAL A 69 -4.99 -2.22 -30.81
N PRO A 70 -4.81 -3.55 -30.75
CA PRO A 70 -5.03 -4.30 -29.51
C PRO A 70 -4.06 -3.82 -28.43
N ARG A 71 -4.56 -3.65 -27.20
CA ARG A 71 -3.82 -3.03 -26.08
C ARG A 71 -3.65 -4.06 -24.95
N GLN A 72 -2.49 -4.01 -24.31
CA GLN A 72 -2.26 -4.69 -23.01
C GLN A 72 -3.16 -4.09 -21.92
N TYR A 73 -3.20 -2.76 -21.83
CA TYR A 73 -3.96 -1.96 -20.83
C TYR A 73 -4.07 -0.51 -21.33
N ALA A 74 -4.87 0.29 -20.66
CA ALA A 74 -5.13 1.70 -21.04
C ALA A 74 -3.83 2.51 -21.12
N LEU A 75 -3.77 3.43 -22.07
CA LEU A 75 -2.79 4.55 -22.04
C LEU A 75 -3.02 5.41 -20.78
N THR A 76 -1.95 5.93 -20.19
CA THR A 76 -2.01 6.90 -19.07
C THR A 76 -1.42 8.24 -19.51
N ILE A 77 -0.64 8.25 -20.57
CA ILE A 77 -0.20 9.52 -21.21
C ILE A 77 -1.31 9.95 -22.16
N PRO A 78 -1.75 11.23 -22.14
CA PRO A 78 -2.80 11.71 -23.06
C PRO A 78 -2.54 11.35 -24.52
N PRO A 79 -3.57 10.79 -25.20
CA PRO A 79 -3.39 10.23 -26.55
C PRO A 79 -2.80 11.22 -27.56
N GLU A 80 -3.14 12.52 -27.48
CA GLU A 80 -2.62 13.58 -28.39
C GLU A 80 -1.11 13.79 -28.17
N VAL A 81 -0.63 13.61 -26.92
CA VAL A 81 0.83 13.68 -26.61
C VAL A 81 1.51 12.40 -27.14
N VAL A 82 0.92 11.23 -26.92
CA VAL A 82 1.45 9.94 -27.45
C VAL A 82 1.61 10.09 -28.97
N ASN A 83 0.55 10.54 -29.64
CA ASN A 83 0.51 10.68 -31.12
C ASN A 83 1.59 11.66 -31.60
N ASN A 84 2.04 12.63 -30.77
CA ASN A 84 3.07 13.63 -31.17
C ASN A 84 4.50 13.21 -30.80
N MET A 85 4.70 12.02 -30.22
CA MET A 85 6.02 11.51 -29.75
C MET A 85 7.06 11.45 -30.88
N GLY A 86 6.67 10.98 -32.07
CA GLY A 86 7.56 10.80 -33.24
C GLY A 86 8.18 12.10 -33.72
N ASN A 87 7.60 13.26 -33.36
CA ASN A 87 8.09 14.61 -33.73
C ASN A 87 9.10 15.14 -32.69
N ILE A 88 9.29 14.45 -31.56
CA ILE A 88 10.26 14.91 -30.52
C ILE A 88 11.60 14.32 -30.95
N THR A 89 12.34 15.06 -31.78
CA THR A 89 13.54 14.61 -32.53
C THR A 89 14.55 15.75 -32.54
N GLY A 90 15.83 15.41 -32.72
CA GLY A 90 16.93 16.38 -32.63
C GLY A 90 18.19 15.70 -32.14
N ALA A 91 19.28 15.89 -32.87
CA ALA A 91 20.65 15.45 -32.47
C ALA A 91 20.89 15.89 -31.03
N GLY A 92 20.52 17.13 -30.70
CA GLY A 92 20.78 17.76 -29.39
C GLY A 92 19.90 17.16 -28.30
N LEU A 93 18.71 16.68 -28.66
CA LEU A 93 17.79 16.03 -27.67
C LEU A 93 18.43 14.71 -27.23
N ARG A 94 18.69 13.82 -28.18
CA ARG A 94 19.34 12.51 -27.93
C ARG A 94 20.63 12.76 -27.13
N LYS A 95 21.44 13.75 -27.54
CA LYS A 95 22.77 14.08 -26.92
C LYS A 95 22.55 14.44 -25.45
N ALA A 96 21.59 15.33 -25.18
CA ALA A 96 21.26 15.86 -23.83
C ALA A 96 20.86 14.72 -22.90
N VAL A 97 20.05 13.78 -23.41
CA VAL A 97 19.53 12.63 -22.63
C VAL A 97 20.67 11.65 -22.30
N MET A 98 21.51 11.32 -23.30
CA MET A 98 22.62 10.35 -23.16
C MET A 98 23.60 10.89 -22.14
N LYS A 99 23.81 12.21 -22.14
CA LYS A 99 24.76 12.87 -21.22
C LYS A 99 24.24 12.82 -19.79
N ALA A 100 22.93 13.05 -19.61
CA ALA A 100 22.30 13.14 -18.27
C ALA A 100 22.30 11.76 -17.59
N ILE A 101 22.16 10.67 -18.34
CA ILE A 101 22.04 9.30 -17.76
C ILE A 101 23.41 8.61 -17.70
N ASN A 102 24.49 9.33 -17.98
CA ASN A 102 25.86 8.77 -17.91
C ASN A 102 26.32 8.76 -16.46
N PRO A 103 26.59 7.59 -15.84
CA PRO A 103 26.97 7.54 -14.43
C PRO A 103 28.37 8.08 -14.13
N LYS A 104 29.21 8.20 -15.17
CA LYS A 104 30.55 8.83 -15.13
C LYS A 104 30.49 10.37 -15.13
N ALA A 105 29.35 11.02 -15.35
CA ALA A 105 29.23 12.50 -15.23
C ALA A 105 29.93 12.96 -13.96
N PRO A 106 30.77 14.01 -13.99
CA PRO A 106 31.56 14.41 -12.82
C PRO A 106 30.68 14.75 -11.61
N GLY A 107 31.00 14.17 -10.44
CA GLY A 107 30.28 14.46 -9.18
C GLY A 107 29.14 13.47 -8.90
N LEU A 108 28.64 12.77 -9.92
CA LEU A 108 27.37 12.02 -9.76
C LEU A 108 27.57 10.79 -8.87
N GLN A 109 28.60 9.99 -9.12
CA GLN A 109 28.95 8.83 -8.26
C GLN A 109 29.18 9.27 -6.83
N GLU A 110 29.90 10.38 -6.64
CA GLU A 110 30.17 10.95 -5.30
C GLU A 110 28.84 11.36 -4.67
N TRP A 111 27.99 12.05 -5.42
CA TRP A 111 26.66 12.48 -4.90
C TRP A 111 25.83 11.24 -4.49
N MET A 112 25.81 10.19 -5.30
CA MET A 112 24.96 9.00 -5.00
C MET A 112 25.52 8.32 -3.73
N GLU A 113 26.83 8.17 -3.61
CA GLU A 113 27.46 7.52 -2.41
C GLU A 113 27.08 8.29 -1.15
N GLU A 114 27.14 9.62 -1.17
CA GLU A 114 26.80 10.46 0.02
C GLU A 114 25.32 10.33 0.35
N HIS A 115 24.44 10.40 -0.65
CA HIS A 115 22.98 10.42 -0.40
C HIS A 115 22.59 9.04 0.12
N ALA A 116 23.12 7.96 -0.44
CA ALA A 116 22.83 6.57 0.03
C ALA A 116 23.26 6.43 1.50
N ALA A 117 24.43 6.96 1.86
CA ALA A 117 25.00 6.91 3.23
C ALA A 117 24.08 7.67 4.17
N GLU A 118 23.61 8.85 3.79
CA GLU A 118 22.71 9.69 4.60
C GLU A 118 21.36 8.99 4.85
N LEU A 119 20.79 8.35 3.83
CA LEU A 119 19.49 7.66 3.96
C LEU A 119 19.67 6.48 4.91
N VAL A 120 20.78 5.78 4.80
CA VAL A 120 21.05 4.59 5.66
C VAL A 120 21.26 5.09 7.09
N GLU A 121 21.95 6.21 7.29
CA GLU A 121 22.16 6.76 8.67
C GLU A 121 20.80 7.11 9.28
N ARG A 122 19.87 7.69 8.54
CA ARG A 122 18.52 8.01 9.08
C ARG A 122 17.75 6.73 9.47
N MET A 123 17.91 5.63 8.72
CA MET A 123 17.30 4.33 9.10
C MET A 123 17.91 3.84 10.43
N LEU A 124 19.23 3.90 10.57
CA LEU A 124 19.95 3.48 11.81
C LEU A 124 19.50 4.35 13.01
N LYS A 125 19.38 5.68 12.84
CA LYS A 125 18.92 6.61 13.91
C LYS A 125 17.51 6.20 14.34
N HIS A 126 16.65 5.81 13.39
CA HIS A 126 15.23 5.45 13.64
C HIS A 126 15.15 4.17 14.49
N GLY A 127 16.03 3.21 14.23
CA GLY A 127 15.98 1.86 14.83
C GLY A 127 15.03 0.93 14.08
N ALA A 128 15.21 -0.37 14.27
CA ALA A 128 14.39 -1.40 13.62
C ALA A 128 13.03 -1.46 14.30
N PRO A 129 11.92 -1.76 13.59
CA PRO A 129 11.93 -1.97 12.15
C PRO A 129 11.77 -0.67 11.34
N VAL A 130 12.21 -0.65 10.08
CA VAL A 130 11.91 0.47 9.13
C VAL A 130 11.33 -0.09 7.84
N ASP A 131 10.50 0.70 7.18
CA ASP A 131 10.06 0.43 5.77
C ASP A 131 11.20 0.85 4.84
N ILE A 132 11.97 -0.09 4.30
CA ILE A 132 13.17 0.23 3.50
C ILE A 132 12.74 0.77 2.12
N ARG A 133 11.47 0.64 1.74
CA ARG A 133 11.00 1.30 0.50
C ARG A 133 10.93 2.80 0.76
N SER A 134 10.17 3.24 1.76
CA SER A 134 9.91 4.68 1.96
C SER A 134 11.18 5.35 2.53
N MET A 135 12.04 4.62 3.23
CA MET A 135 13.23 5.27 3.84
C MET A 135 14.46 5.11 2.94
N PHE A 136 14.41 4.33 1.86
CA PHE A 136 15.60 4.10 1.02
C PHE A 136 15.27 3.98 -0.46
N THR A 137 14.68 2.88 -0.92
CA THR A 137 14.67 2.56 -2.37
C THR A 137 13.97 3.71 -3.10
N ASP A 138 12.87 4.25 -2.54
CA ASP A 138 12.10 5.35 -3.20
C ASP A 138 12.90 6.65 -3.18
N PRO A 139 13.26 7.23 -2.01
CA PRO A 139 13.98 8.52 -1.99
C PRO A 139 15.32 8.49 -2.72
N PHE A 140 16.03 7.37 -2.69
CA PHE A 140 17.35 7.21 -3.33
C PHE A 140 17.15 7.27 -4.86
N SER A 141 16.07 6.66 -5.35
CA SER A 141 15.70 6.66 -6.78
C SER A 141 15.17 8.06 -7.16
N GLU A 142 14.32 8.65 -6.34
CA GLU A 142 13.68 9.95 -6.73
C GLU A 142 14.73 11.06 -6.73
N ALA A 143 15.56 11.15 -5.69
CA ALA A 143 16.58 12.22 -5.57
C ALA A 143 17.57 12.08 -6.72
N MET A 144 17.99 10.88 -7.11
CA MET A 144 18.99 10.74 -8.19
C MET A 144 18.38 11.28 -9.49
N HIS A 145 17.08 11.05 -9.75
CA HIS A 145 16.43 11.59 -10.97
C HIS A 145 16.32 13.13 -10.90
N CYS A 146 16.08 13.73 -9.72
CA CYS A 146 16.14 15.20 -9.58
C CYS A 146 17.56 15.68 -9.92
N GLN A 147 18.56 14.99 -9.36
CA GLN A 147 19.99 15.31 -9.58
C GLN A 147 20.29 15.31 -11.08
N ILE A 148 19.97 14.25 -11.82
CA ILE A 148 20.37 14.23 -13.27
C ILE A 148 19.50 15.16 -14.13
N LEU A 149 18.25 15.46 -13.76
CA LEU A 149 17.43 16.48 -14.46
C LEU A 149 17.91 17.90 -14.14
N GLY A 150 18.59 18.12 -13.01
CA GLY A 150 19.09 19.44 -12.59
C GLY A 150 18.03 20.26 -11.86
N ILE A 151 16.94 19.66 -11.41
CA ILE A 151 15.85 20.39 -10.69
C ILE A 151 16.05 20.24 -9.18
N PRO A 152 15.39 21.06 -8.35
CA PRO A 152 15.55 20.96 -6.90
C PRO A 152 15.02 19.60 -6.40
N HIS A 153 15.64 19.06 -5.34
CA HIS A 153 15.31 17.72 -4.80
C HIS A 153 13.95 17.76 -4.11
N GLU A 154 13.46 18.97 -3.78
CA GLU A 154 12.10 19.25 -3.23
C GLU A 154 11.01 18.94 -4.26
N ALA A 155 11.36 18.81 -5.53
CA ALA A 155 10.43 18.37 -6.59
C ALA A 155 10.08 16.89 -6.42
N ALA A 156 10.97 16.09 -5.82
CA ALA A 156 10.86 14.62 -5.75
C ALA A 156 9.47 14.22 -5.25
N PRO A 157 9.01 14.68 -4.06
CA PRO A 157 7.68 14.32 -3.57
C PRO A 157 6.49 14.72 -4.46
N LEU A 158 6.54 15.88 -5.12
CA LEU A 158 5.49 16.40 -6.03
C LEU A 158 5.37 15.44 -7.23
N LEU A 159 6.49 15.24 -7.93
CA LEU A 159 6.57 14.44 -9.18
C LEU A 159 6.31 12.97 -8.87
N SER A 160 6.87 12.43 -7.79
CA SER A 160 6.72 11.01 -7.39
C SER A 160 5.26 10.66 -7.08
N GLU A 161 4.44 11.59 -6.58
CA GLU A 161 3.02 11.35 -6.21
C GLU A 161 2.26 10.85 -7.43
N SER A 162 2.64 11.23 -8.65
CA SER A 162 1.94 10.84 -9.92
C SER A 162 2.13 9.37 -10.24
N LEU A 163 3.22 8.78 -9.75
CA LEU A 163 3.78 7.55 -10.37
C LEU A 163 2.93 6.34 -10.06
N PRO A 164 2.36 6.20 -8.85
CA PRO A 164 1.49 5.04 -8.60
C PRO A 164 0.28 4.99 -9.53
N ILE A 165 -0.14 6.14 -10.09
CA ILE A 165 -1.24 6.18 -11.10
C ILE A 165 -0.69 6.12 -12.53
N ALA A 166 0.36 6.89 -12.83
CA ALA A 166 0.95 7.03 -14.19
C ALA A 166 1.32 5.65 -14.77
N PHE A 167 1.76 4.68 -13.93
CA PHE A 167 2.21 3.36 -14.42
C PHE A 167 1.18 2.30 -14.04
N MET A 168 -0.05 2.70 -13.77
CA MET A 168 -1.12 1.70 -13.60
C MET A 168 -1.31 0.90 -14.91
N ASN A 169 -1.75 -0.34 -14.74
CA ASN A 169 -2.18 -1.25 -15.82
C ASN A 169 -3.68 -1.45 -15.60
N SER A 170 -4.49 -0.54 -16.16
CA SER A 170 -5.95 -0.45 -15.93
C SER A 170 -6.70 -0.91 -17.18
N PRO A 171 -7.89 -1.54 -17.03
CA PRO A 171 -8.71 -1.90 -18.18
C PRO A 171 -9.34 -0.67 -18.82
N ARG A 172 -9.37 0.46 -18.09
CA ARG A 172 -10.11 1.68 -18.49
C ARG A 172 -9.23 2.91 -18.33
N GLU A 173 -9.57 3.97 -19.07
CA GLU A 173 -8.99 5.31 -18.91
C GLU A 173 -9.07 5.76 -17.43
N ILE A 174 -8.01 6.43 -16.98
CA ILE A 174 -7.82 6.89 -15.57
C ILE A 174 -7.82 8.40 -15.54
N PRO A 175 -8.91 9.03 -15.04
CA PRO A 175 -9.00 10.48 -14.96
C PRO A 175 -7.81 11.15 -14.26
N ALA A 176 -7.37 10.60 -13.11
CA ALA A 176 -6.25 11.18 -12.32
C ALA A 176 -5.00 11.33 -13.21
N ALA A 177 -4.81 10.40 -14.16
CA ALA A 177 -3.57 10.31 -14.97
C ALA A 177 -3.43 11.59 -15.80
N ARG A 178 -4.52 12.10 -16.37
CA ARG A 178 -4.49 13.35 -17.17
C ARG A 178 -4.23 14.57 -16.29
N LEU A 179 -4.93 14.67 -15.17
CA LEU A 179 -4.75 15.76 -14.19
C LEU A 179 -3.30 15.82 -13.75
N ASN A 180 -2.75 14.67 -13.36
CA ASN A 180 -1.33 14.57 -12.92
C ASN A 180 -0.40 14.92 -14.08
N TRP A 181 -0.69 14.43 -15.28
CA TRP A 181 0.17 14.70 -16.46
C TRP A 181 0.26 16.21 -16.67
N ASP A 182 -0.89 16.91 -16.67
CA ASP A 182 -0.93 18.37 -16.94
C ASP A 182 -0.17 19.08 -15.84
N ARG A 183 -0.35 18.68 -14.59
CA ARG A 183 0.32 19.35 -13.44
C ARG A 183 1.83 19.15 -13.57
N ASP A 184 2.27 17.96 -13.99
CA ASP A 184 3.73 17.64 -14.08
C ASP A 184 4.34 18.40 -15.27
N ILE A 185 3.68 18.38 -16.43
CA ILE A 185 4.14 19.16 -17.63
C ILE A 185 4.28 20.65 -17.24
N ALA A 186 3.33 21.22 -16.49
CA ALA A 186 3.36 22.65 -16.08
C ALA A 186 4.61 22.90 -15.22
N TYR A 187 4.87 22.01 -14.25
CA TYR A 187 6.03 22.13 -13.35
C TYR A 187 7.32 22.11 -14.18
N MET A 188 7.43 21.15 -15.12
CA MET A 188 8.67 20.95 -15.91
C MET A 188 8.83 22.11 -16.91
N THR A 189 7.74 22.60 -17.47
CA THR A 189 7.72 23.83 -18.31
C THR A 189 8.28 25.02 -17.52
N ALA A 190 7.79 25.24 -16.30
CA ALA A 190 8.33 26.28 -15.39
C ALA A 190 9.84 26.09 -15.23
N ARG A 191 10.35 24.86 -15.13
CA ARG A 191 11.80 24.61 -14.86
C ARG A 191 12.67 24.95 -16.08
N LEU A 192 12.08 24.93 -17.29
CA LEU A 192 12.81 25.29 -18.53
C LEU A 192 13.34 26.73 -18.42
N ASP A 193 12.70 27.56 -17.61
CA ASP A 193 12.99 29.02 -17.52
C ASP A 193 13.97 29.34 -16.37
N ASP A 194 14.14 28.47 -15.38
CA ASP A 194 14.95 28.80 -14.18
C ASP A 194 16.01 27.72 -13.88
N THR A 195 16.25 26.77 -14.78
CA THR A 195 17.18 25.64 -14.50
C THR A 195 18.43 25.79 -15.37
N GLU A 196 19.61 25.81 -14.77
CA GLU A 196 20.90 26.07 -15.47
C GLU A 196 21.69 24.76 -15.68
N GLN A 197 21.39 23.71 -14.92
CA GLN A 197 22.20 22.44 -14.89
C GLN A 197 21.35 21.24 -15.34
N GLY A 198 22.03 20.12 -15.64
CA GLY A 198 21.41 18.80 -15.86
C GLY A 198 20.55 18.76 -17.11
N LEU A 199 19.69 17.75 -17.23
CA LEU A 199 18.94 17.52 -18.49
C LEU A 199 18.08 18.75 -18.81
N ILE A 200 17.41 19.31 -17.82
CA ILE A 200 16.47 20.45 -18.05
C ILE A 200 17.28 21.70 -18.47
N GLY A 201 18.39 22.01 -17.81
CA GLY A 201 19.33 23.09 -18.19
C GLY A 201 19.82 22.92 -19.62
N ASP A 202 20.15 21.70 -20.02
CA ASP A 202 20.59 21.39 -21.42
C ASP A 202 19.43 21.64 -22.40
N LEU A 203 18.21 21.23 -22.05
CA LEU A 203 17.03 21.33 -22.95
C LEU A 203 16.68 22.80 -23.13
N ALA A 204 16.77 23.60 -22.05
CA ALA A 204 16.51 25.05 -22.06
C ALA A 204 17.44 25.74 -23.07
N LYS A 205 18.69 25.26 -23.19
CA LYS A 205 19.76 25.79 -24.08
C LYS A 205 19.39 25.53 -25.55
N LEU A 206 18.71 24.43 -25.86
CA LEU A 206 18.30 24.09 -27.25
C LEU A 206 17.11 24.94 -27.68
N ARG A 207 16.27 25.34 -26.74
CA ARG A 207 14.92 25.89 -27.01
C ARG A 207 15.08 27.26 -27.71
N GLY A 208 14.40 27.44 -28.85
CA GLY A 208 14.45 28.70 -29.63
C GLY A 208 15.77 28.89 -30.36
N THR A 209 16.51 27.80 -30.62
CA THR A 209 17.74 27.77 -31.46
C THR A 209 17.45 26.97 -32.74
N GLU A 210 18.38 26.94 -33.70
CA GLU A 210 18.18 26.37 -35.06
C GLU A 210 18.25 24.83 -35.00
N GLY A 211 17.32 24.17 -35.68
CA GLY A 211 17.15 22.71 -35.62
C GLY A 211 16.14 22.31 -34.55
N TYR A 212 15.70 23.25 -33.71
CA TYR A 212 14.77 23.00 -32.58
C TYR A 212 13.51 23.88 -32.65
N GLU A 213 13.21 24.44 -33.81
CA GLU A 213 12.00 25.29 -34.04
C GLU A 213 10.76 24.40 -33.95
N HIS A 214 10.89 23.13 -34.32
CA HIS A 214 9.81 22.12 -34.33
C HIS A 214 9.54 21.55 -32.92
N VAL A 215 10.29 21.96 -31.91
CA VAL A 215 10.07 21.44 -30.52
C VAL A 215 9.37 22.49 -29.66
N SER A 216 8.11 22.26 -29.32
CA SER A 216 7.33 23.09 -28.37
C SER A 216 7.91 22.99 -26.96
N ASP A 217 7.55 23.94 -26.10
CA ASP A 217 7.87 23.89 -24.65
C ASP A 217 7.26 22.61 -24.04
N GLU A 218 6.06 22.26 -24.49
CA GLU A 218 5.33 21.07 -24.03
C GLU A 218 6.14 19.81 -24.36
N MET A 219 6.79 19.81 -25.53
CA MET A 219 7.56 18.64 -26.03
C MET A 219 8.87 18.54 -25.23
N PHE A 220 9.52 19.67 -24.93
CA PHE A 220 10.72 19.71 -24.04
C PHE A 220 10.33 19.16 -22.66
N ALA A 221 9.23 19.63 -22.09
CA ALA A 221 8.70 19.19 -20.77
C ALA A 221 8.41 17.68 -20.83
N THR A 222 7.81 17.19 -21.91
CA THR A 222 7.50 15.76 -22.11
C THR A 222 8.77 14.93 -21.91
N VAL A 223 9.92 15.40 -22.38
CA VAL A 223 11.20 14.65 -22.27
C VAL A 223 11.54 14.57 -20.78
N GLY A 224 11.42 15.70 -20.06
CA GLY A 224 11.67 15.76 -18.61
C GLY A 224 10.74 14.81 -17.87
N VAL A 225 9.42 14.90 -18.11
CA VAL A 225 8.42 14.14 -17.32
C VAL A 225 8.58 12.64 -17.57
N THR A 226 8.67 12.20 -18.82
CA THR A 226 8.75 10.77 -19.16
C THR A 226 10.09 10.19 -18.71
N LEU A 227 11.19 10.89 -18.86
CA LEU A 227 12.49 10.34 -18.38
C LEU A 227 12.44 10.20 -16.84
N PHE A 228 11.91 11.19 -16.10
CA PHE A 228 11.79 11.12 -14.63
C PHE A 228 10.92 9.90 -14.29
N GLY A 229 9.76 9.77 -14.92
CA GLY A 229 8.80 8.67 -14.66
C GLY A 229 9.42 7.31 -14.91
N ALA A 230 9.97 7.10 -16.10
CA ALA A 230 10.59 5.82 -16.53
C ALA A 230 11.74 5.45 -15.57
N GLY A 231 12.67 6.39 -15.36
CA GLY A 231 13.86 6.14 -14.54
C GLY A 231 13.45 5.78 -13.13
N VAL A 232 12.63 6.60 -12.49
CA VAL A 232 12.25 6.45 -11.05
C VAL A 232 11.53 5.11 -10.88
N ILE A 233 10.58 4.76 -11.77
CA ILE A 233 9.78 3.53 -11.53
C ILE A 233 10.68 2.31 -11.83
N SER A 234 11.61 2.41 -12.76
CA SER A 234 12.47 1.25 -13.11
C SER A 234 13.48 1.02 -11.96
N THR A 235 14.11 2.09 -11.49
CA THR A 235 15.16 1.96 -10.45
C THR A 235 14.50 1.66 -9.10
N ALA A 236 13.44 2.36 -8.71
CA ALA A 236 12.80 2.14 -7.40
C ALA A 236 12.18 0.74 -7.40
N GLY A 237 11.57 0.30 -8.53
CA GLY A 237 11.01 -1.05 -8.67
C GLY A 237 12.06 -2.14 -8.58
N PHE A 238 13.17 -1.97 -9.30
CA PHE A 238 14.27 -2.97 -9.28
C PHE A 238 14.84 -3.04 -7.87
N LEU A 239 15.13 -1.90 -7.27
CA LEU A 239 15.86 -1.86 -5.97
C LEU A 239 14.98 -2.45 -4.87
N ALA A 240 13.67 -2.14 -4.84
CA ALA A 240 12.73 -2.77 -3.88
C ALA A 240 12.79 -4.30 -4.05
N MET A 241 12.68 -4.77 -5.29
CA MET A 241 12.58 -6.22 -5.54
C MET A 241 13.95 -6.91 -5.44
N ALA A 242 15.04 -6.19 -5.62
CA ALA A 242 16.39 -6.73 -5.34
C ALA A 242 16.51 -6.97 -3.82
N LEU A 243 16.01 -6.04 -3.01
CA LEU A 243 15.95 -6.23 -1.55
C LEU A 243 15.00 -7.39 -1.22
N VAL A 244 13.86 -7.54 -1.89
CA VAL A 244 12.96 -8.72 -1.65
C VAL A 244 13.77 -10.01 -1.96
N THR A 245 14.53 -10.05 -3.05
CA THR A 245 15.37 -11.24 -3.39
C THR A 245 16.36 -11.50 -2.23
N LEU A 246 17.06 -10.46 -1.80
CA LEU A 246 18.10 -10.58 -0.74
C LEU A 246 17.46 -10.98 0.60
N LEU A 247 16.26 -10.49 0.87
CA LEU A 247 15.55 -10.76 2.15
C LEU A 247 14.91 -12.15 2.14
N THR A 248 14.67 -12.74 0.97
CA THR A 248 14.24 -14.15 0.86
C THR A 248 15.48 -15.06 0.74
N HIS A 249 16.69 -14.53 0.59
CA HIS A 249 17.93 -15.35 0.57
C HIS A 249 18.92 -14.80 1.59
N PRO A 250 18.57 -14.81 2.90
CA PRO A 250 19.39 -14.13 3.92
C PRO A 250 20.86 -14.59 3.96
N GLU A 251 21.13 -15.88 3.77
CA GLU A 251 22.52 -16.42 3.83
C GLU A 251 23.35 -15.81 2.67
N GLU A 252 22.77 -15.64 1.49
CA GLU A 252 23.45 -14.99 0.34
C GLU A 252 23.63 -13.48 0.64
N ALA A 253 22.64 -12.80 1.20
CA ALA A 253 22.75 -11.37 1.55
C ALA A 253 23.91 -11.19 2.52
N ASP A 254 24.01 -12.08 3.51
CA ASP A 254 25.09 -12.03 4.54
C ASP A 254 26.43 -12.21 3.80
N HIS A 255 26.50 -13.14 2.86
CA HIS A 255 27.72 -13.40 2.07
C HIS A 255 28.12 -12.14 1.26
N LEU A 256 27.17 -11.47 0.62
CA LEU A 256 27.43 -10.25 -0.18
C LEU A 256 27.90 -9.12 0.72
N ALA A 257 27.30 -8.97 1.91
CA ALA A 257 27.70 -7.94 2.90
C ALA A 257 29.18 -8.12 3.28
N ASP A 258 29.63 -9.37 3.38
CA ASP A 258 31.04 -9.70 3.73
C ASP A 258 31.97 -9.60 2.52
N HIS A 259 31.48 -9.73 1.28
CA HIS A 259 32.29 -9.74 0.04
C HIS A 259 31.80 -8.62 -0.89
N PRO A 260 31.97 -7.34 -0.51
CA PRO A 260 31.50 -6.23 -1.34
C PRO A 260 32.13 -6.16 -2.74
N GLU A 261 33.28 -6.81 -2.94
CA GLU A 261 33.96 -6.92 -4.26
C GLU A 261 33.05 -7.69 -5.25
N LEU A 262 32.10 -8.48 -4.74
CA LEU A 262 31.17 -9.29 -5.55
C LEU A 262 30.08 -8.38 -6.16
N MET A 263 29.93 -7.14 -5.70
CA MET A 263 28.66 -6.37 -5.92
C MET A 263 28.35 -6.19 -7.41
N PRO A 264 29.34 -5.88 -8.29
CA PRO A 264 29.08 -5.82 -9.73
C PRO A 264 28.43 -7.09 -10.31
N GLN A 265 28.93 -8.27 -9.95
CA GLN A 265 28.39 -9.55 -10.47
C GLN A 265 27.05 -9.84 -9.77
N ALA A 266 26.93 -9.49 -8.49
CA ALA A 266 25.70 -9.71 -7.70
C ALA A 266 24.54 -8.94 -8.33
N VAL A 267 24.79 -7.68 -8.75
CA VAL A 267 23.75 -6.83 -9.40
C VAL A 267 23.28 -7.52 -10.69
N ASP A 268 24.19 -8.09 -11.49
CA ASP A 268 23.80 -8.83 -12.73
C ASP A 268 22.88 -10.00 -12.38
N GLU A 269 23.18 -10.73 -11.29
CA GLU A 269 22.36 -11.92 -10.94
C GLU A 269 21.05 -11.44 -10.32
N LEU A 270 21.08 -10.35 -9.54
CA LEU A 270 19.81 -9.75 -9.01
C LEU A 270 18.94 -9.27 -10.16
N LEU A 271 19.53 -8.66 -11.19
CA LEU A 271 18.75 -8.27 -12.39
C LEU A 271 18.14 -9.51 -13.02
N ARG A 272 18.91 -10.58 -13.18
CA ARG A 272 18.41 -11.80 -13.88
C ARG A 272 17.24 -12.40 -13.09
N ILE A 273 17.31 -12.39 -11.76
CA ILE A 273 16.35 -13.15 -10.90
C ILE A 273 15.17 -12.24 -10.51
N ASN A 274 15.18 -10.99 -10.93
CA ASN A 274 14.31 -9.93 -10.39
C ASN A 274 12.88 -10.13 -10.87
N LEU A 275 11.89 -9.84 -10.03
CA LEU A 275 10.48 -10.11 -10.39
C LEU A 275 9.67 -8.82 -10.45
N SER A 276 10.32 -7.69 -10.60
CA SER A 276 9.60 -6.39 -10.59
C SER A 276 8.76 -6.19 -11.86
N ILE A 277 9.13 -6.74 -13.02
CA ILE A 277 8.29 -6.51 -14.24
C ILE A 277 6.95 -7.20 -14.05
N GLY A 278 5.86 -6.42 -14.01
CA GLY A 278 4.53 -6.97 -13.71
C GLY A 278 3.68 -7.15 -14.97
N ASP A 279 4.22 -6.81 -16.13
CA ASP A 279 3.46 -6.85 -17.41
C ASP A 279 4.35 -7.54 -18.45
N GLY A 280 4.07 -7.33 -19.72
CA GLY A 280 4.98 -7.71 -20.80
C GLY A 280 5.49 -6.51 -21.55
N LEU A 281 6.61 -6.67 -22.24
CA LEU A 281 7.12 -5.60 -23.14
C LEU A 281 6.30 -5.75 -24.43
N PRO A 282 5.49 -4.74 -24.78
CA PRO A 282 4.57 -4.85 -25.92
C PRO A 282 5.27 -4.60 -27.26
N ARG A 283 4.90 -5.38 -28.27
CA ARG A 283 5.30 -5.13 -29.70
C ARG A 283 4.11 -5.45 -30.61
N LEU A 284 3.94 -4.64 -31.66
CA LEU A 284 2.94 -4.89 -32.72
C LEU A 284 3.65 -5.53 -33.94
N ALA A 285 3.22 -6.72 -34.37
CA ALA A 285 3.60 -7.40 -35.64
C ALA A 285 3.28 -6.50 -36.84
N MET A 286 4.29 -6.01 -37.56
CA MET A 286 4.10 -5.11 -38.73
C MET A 286 4.06 -5.93 -40.03
N GLU A 287 4.22 -7.24 -39.93
CA GLU A 287 4.09 -8.21 -41.05
C GLU A 287 3.61 -9.55 -40.50
N ASP A 288 3.01 -10.38 -41.35
CA ASP A 288 2.81 -11.81 -41.05
C ASP A 288 4.19 -12.40 -40.75
N MET A 289 4.31 -13.15 -39.66
CA MET A 289 5.61 -13.71 -39.23
C MET A 289 5.38 -14.98 -38.43
N THR A 290 6.32 -15.90 -38.53
CA THR A 290 6.34 -17.17 -37.78
C THR A 290 7.15 -16.91 -36.52
N LEU A 291 6.63 -17.36 -35.37
CA LEU A 291 7.34 -17.31 -34.07
C LEU A 291 7.21 -18.69 -33.43
N GLY A 292 8.30 -19.48 -33.45
CA GLY A 292 8.26 -20.92 -33.16
C GLY A 292 7.18 -21.60 -33.99
N GLU A 293 6.19 -22.22 -33.33
CA GLU A 293 5.12 -23.02 -33.96
C GLU A 293 3.86 -22.18 -34.17
N VAL A 294 3.93 -20.86 -34.00
CA VAL A 294 2.74 -19.96 -34.08
C VAL A 294 2.93 -19.02 -35.27
N GLU A 295 1.84 -18.72 -35.97
CA GLU A 295 1.79 -17.77 -37.10
C GLU A 295 1.13 -16.48 -36.63
N VAL A 296 1.93 -15.43 -36.48
CA VAL A 296 1.49 -14.08 -36.00
C VAL A 296 1.06 -13.28 -37.24
N LYS A 297 -0.15 -12.72 -37.20
CA LYS A 297 -0.72 -11.89 -38.29
C LYS A 297 -0.35 -10.43 -38.07
N LYS A 298 -0.17 -9.68 -39.16
CA LYS A 298 0.09 -8.22 -39.10
C LYS A 298 -0.95 -7.57 -38.18
N GLY A 299 -0.51 -6.63 -37.34
CA GLY A 299 -1.38 -5.89 -36.42
C GLY A 299 -1.73 -6.65 -35.15
N GLU A 300 -1.19 -7.86 -34.92
CA GLU A 300 -1.42 -8.60 -33.66
C GLU A 300 -0.43 -8.13 -32.59
N LEU A 301 -0.87 -8.21 -31.33
CA LEU A 301 -0.09 -7.77 -30.14
C LEU A 301 0.73 -8.97 -29.64
N VAL A 302 2.02 -8.71 -29.47
CA VAL A 302 3.00 -9.65 -28.89
C VAL A 302 3.46 -9.08 -27.53
N LEU A 303 3.45 -9.94 -26.52
CA LEU A 303 3.92 -9.54 -25.18
C LEU A 303 5.14 -10.37 -24.85
N VAL A 304 6.29 -9.71 -24.80
CA VAL A 304 7.58 -10.34 -24.39
C VAL A 304 7.61 -10.38 -22.87
N LEU A 305 7.95 -11.56 -22.34
CA LEU A 305 7.96 -11.84 -20.89
C LEU A 305 9.40 -12.06 -20.43
N PRO A 306 10.07 -10.99 -19.96
CA PRO A 306 11.46 -11.13 -19.49
C PRO A 306 11.66 -12.24 -18.45
N GLU A 307 10.77 -12.39 -17.46
CA GLU A 307 10.91 -13.46 -16.42
C GLU A 307 10.85 -14.84 -17.10
N GLY A 308 10.16 -14.98 -18.22
CA GLY A 308 10.18 -16.27 -18.93
C GLY A 308 11.57 -16.62 -19.40
N ALA A 309 12.20 -15.71 -20.10
CA ALA A 309 13.57 -15.85 -20.63
C ALA A 309 14.54 -16.05 -19.47
N ASN A 310 14.43 -15.21 -18.44
CA ASN A 310 15.41 -15.09 -17.33
C ASN A 310 15.36 -16.35 -16.47
N PHE A 311 14.28 -17.10 -16.46
CA PHE A 311 14.15 -18.36 -15.68
C PHE A 311 14.06 -19.55 -16.65
N ASP A 312 14.49 -19.36 -17.90
CA ASP A 312 14.54 -20.47 -18.91
C ASP A 312 15.73 -21.37 -18.55
N PRO A 313 15.49 -22.62 -18.07
CA PRO A 313 16.58 -23.43 -17.52
C PRO A 313 17.54 -23.98 -18.63
N SER A 314 17.17 -23.82 -19.91
CA SER A 314 18.04 -24.20 -21.06
C SER A 314 19.13 -23.13 -21.27
N VAL A 315 19.03 -21.98 -20.61
CA VAL A 315 20.03 -20.88 -20.71
C VAL A 315 20.58 -20.62 -19.31
N PHE A 316 19.69 -20.67 -18.30
CA PHE A 316 20.07 -20.39 -16.90
C PHE A 316 19.77 -21.63 -16.08
N PRO A 317 20.59 -22.73 -16.18
CA PRO A 317 20.34 -23.95 -15.42
C PRO A 317 20.15 -23.64 -13.93
N ASP A 318 19.18 -24.31 -13.30
CA ASP A 318 18.79 -24.11 -11.87
C ASP A 318 18.35 -22.66 -11.68
N PRO A 319 17.39 -22.19 -12.49
CA PRO A 319 17.09 -20.76 -12.59
C PRO A 319 16.60 -20.06 -11.32
N HIS A 320 16.01 -20.81 -10.37
CA HIS A 320 15.45 -20.27 -9.12
C HIS A 320 16.56 -20.09 -8.11
N ARG A 321 17.75 -20.59 -8.41
CA ARG A 321 18.88 -20.44 -7.45
C ARG A 321 19.52 -19.05 -7.60
N LEU A 322 19.75 -18.35 -6.50
CA LEU A 322 20.44 -17.04 -6.52
C LEU A 322 21.95 -17.32 -6.43
N ASP A 323 22.67 -17.16 -7.54
CA ASP A 323 24.11 -17.54 -7.63
C ASP A 323 24.89 -16.33 -8.17
N PHE A 324 25.51 -15.56 -7.29
CA PHE A 324 26.14 -14.27 -7.66
C PHE A 324 27.26 -14.48 -8.68
N THR A 325 27.86 -15.68 -8.69
CA THR A 325 29.00 -16.04 -9.57
C THR A 325 28.47 -16.70 -10.85
N ARG A 326 27.15 -16.76 -11.05
CA ARG A 326 26.57 -17.37 -12.28
C ARG A 326 27.27 -16.72 -13.48
N ALA A 327 27.86 -17.54 -14.36
CA ALA A 327 28.77 -17.09 -15.45
C ALA A 327 28.02 -16.18 -16.43
N ASN A 328 26.79 -16.50 -16.81
CA ASN A 328 26.06 -15.75 -17.86
C ASN A 328 24.95 -14.85 -17.26
N SER A 329 25.06 -14.40 -16.03
CA SER A 329 24.03 -13.53 -15.42
C SER A 329 23.71 -12.36 -16.36
N SER A 330 24.77 -11.73 -16.90
CA SER A 330 24.68 -10.48 -17.70
C SER A 330 23.98 -10.72 -19.03
N ALA A 331 23.59 -11.97 -19.36
CA ALA A 331 22.81 -12.31 -20.59
C ALA A 331 21.30 -12.25 -20.35
N HIS A 332 20.87 -11.61 -19.28
CA HIS A 332 19.42 -11.53 -18.92
C HIS A 332 18.71 -10.53 -19.83
N PHE A 333 17.39 -10.49 -19.73
CA PHE A 333 16.51 -9.59 -20.51
C PHE A 333 15.78 -8.58 -19.61
N SER A 334 16.31 -8.30 -18.42
CA SER A 334 15.69 -7.32 -17.48
C SER A 334 15.89 -5.88 -17.98
N PHE A 335 16.81 -5.65 -18.92
CA PHE A 335 16.97 -4.32 -19.59
C PHE A 335 16.48 -4.40 -21.04
N GLY A 336 15.72 -5.43 -21.37
CA GLY A 336 15.25 -5.65 -22.75
C GLY A 336 16.40 -6.04 -23.67
N GLY A 337 16.25 -5.74 -24.95
CA GLY A 337 17.17 -6.17 -26.04
C GLY A 337 16.86 -5.46 -27.34
N GLY A 338 17.76 -5.57 -28.32
CA GLY A 338 17.58 -4.97 -29.65
C GLY A 338 17.54 -3.47 -29.57
N SER A 339 16.77 -2.85 -30.47
CA SER A 339 16.78 -1.39 -30.71
C SER A 339 16.33 -0.62 -29.47
N HIS A 340 15.46 -1.21 -28.63
CA HIS A 340 14.83 -0.49 -27.49
C HIS A 340 15.49 -0.89 -26.16
N TYR A 341 16.62 -1.57 -26.21
CA TYR A 341 17.50 -1.88 -25.05
C TYR A 341 17.64 -0.65 -24.16
N CYS A 342 17.45 -0.82 -22.86
CA CYS A 342 17.48 0.33 -21.94
C CYS A 342 18.73 1.15 -22.26
N PRO A 343 18.62 2.48 -22.43
CA PRO A 343 19.79 3.35 -22.67
C PRO A 343 20.58 3.73 -21.42
N ALA A 344 20.04 3.37 -20.25
CA ALA A 344 20.54 3.84 -18.95
C ALA A 344 21.03 2.66 -18.13
N THR A 345 21.41 1.55 -18.77
CA THR A 345 21.80 0.32 -18.02
C THR A 345 23.01 0.66 -17.16
N ALA A 346 23.92 1.48 -17.64
CA ALA A 346 25.15 1.82 -16.91
C ALA A 346 24.75 2.52 -15.61
N LEU A 347 23.84 3.48 -15.70
CA LEU A 347 23.36 4.22 -14.52
C LEU A 347 22.51 3.31 -13.62
N GLY A 348 21.60 2.51 -14.15
CA GLY A 348 20.78 1.63 -13.29
C GLY A 348 21.68 0.69 -12.47
N LYS A 349 22.68 0.08 -13.10
CA LYS A 349 23.61 -0.86 -12.39
C LYS A 349 24.44 -0.10 -11.37
N LYS A 350 24.91 1.11 -11.67
CA LYS A 350 25.80 1.85 -10.74
C LYS A 350 24.99 2.32 -9.54
N HIS A 351 23.79 2.83 -9.80
CA HIS A 351 22.82 3.21 -8.76
C HIS A 351 22.55 2.01 -7.82
N ALA A 352 22.27 0.82 -8.35
CA ALA A 352 21.97 -0.40 -7.54
C ALA A 352 23.21 -0.80 -6.73
N GLU A 353 24.39 -0.79 -7.36
CA GLU A 353 25.66 -1.19 -6.71
C GLU A 353 25.89 -0.27 -5.51
N ILE A 354 25.72 1.02 -5.68
CA ILE A 354 25.98 2.00 -4.59
C ILE A 354 24.93 1.82 -3.49
N GLY A 355 23.65 1.80 -3.83
CA GLY A 355 22.55 1.65 -2.86
C GLY A 355 22.67 0.37 -2.04
N LEU A 356 22.80 -0.77 -2.71
CA LEU A 356 22.83 -2.09 -2.04
C LEU A 356 24.08 -2.18 -1.16
N ARG A 357 25.22 -1.61 -1.58
N ARG A 357 25.23 -1.62 -1.60
CA ARG A 357 26.48 -1.66 -0.79
CA ARG A 357 26.49 -1.63 -0.82
C ARG A 357 26.30 -0.84 0.48
C ARG A 357 26.27 -0.86 0.47
N ALA A 358 25.61 0.30 0.38
CA ALA A 358 25.43 1.20 1.54
C ALA A 358 24.54 0.50 2.59
N VAL A 359 23.49 -0.17 2.12
CA VAL A 359 22.54 -0.88 3.02
C VAL A 359 23.34 -2.02 3.68
N LEU A 360 24.03 -2.86 2.91
CA LEU A 360 24.60 -4.11 3.46
C LEU A 360 25.83 -3.81 4.34
N ALA A 361 26.50 -2.67 4.12
CA ALA A 361 27.73 -2.27 4.83
C ALA A 361 27.33 -1.72 6.22
N ALA A 362 26.12 -1.19 6.36
CA ALA A 362 25.68 -0.54 7.62
C ALA A 362 24.61 -1.35 8.37
N MET A 363 23.87 -2.25 7.73
CA MET A 363 22.77 -2.98 8.42
C MET A 363 23.12 -4.46 8.48
N PRO A 364 23.82 -4.90 9.54
CA PRO A 364 24.30 -6.28 9.60
C PRO A 364 23.14 -7.26 9.73
N ARG A 365 23.25 -8.42 9.09
CA ARG A 365 22.24 -9.53 9.24
C ARG A 365 20.86 -8.94 8.98
N LEU A 366 20.73 -8.25 7.85
CA LEU A 366 19.46 -7.61 7.41
C LEU A 366 18.43 -8.72 7.20
N ARG A 367 17.25 -8.57 7.83
CA ARG A 367 16.16 -9.57 7.80
C ARG A 367 14.82 -8.88 7.60
N LEU A 368 13.91 -9.57 6.90
CA LEU A 368 12.46 -9.28 6.91
C LEU A 368 11.98 -9.22 8.37
N ALA A 369 11.27 -8.18 8.77
CA ALA A 369 10.77 -8.00 10.15
C ALA A 369 9.35 -8.57 10.25
N VAL A 370 8.78 -9.02 9.13
CA VAL A 370 7.44 -9.65 9.09
C VAL A 370 7.56 -10.96 8.33
N PRO A 371 6.66 -11.94 8.57
CA PRO A 371 6.61 -13.18 7.81
C PRO A 371 6.40 -12.77 6.36
N VAL A 372 7.11 -13.42 5.45
CA VAL A 372 7.11 -13.07 4.00
C VAL A 372 5.67 -13.05 3.47
N GLU A 373 4.74 -13.85 4.02
CA GLU A 373 3.35 -13.91 3.51
C GLU A 373 2.50 -12.74 4.03
N GLN A 374 3.04 -11.91 4.92
CA GLN A 374 2.36 -10.69 5.41
C GLN A 374 2.79 -9.46 4.62
N LEU A 375 3.56 -9.62 3.53
CA LEU A 375 3.82 -8.48 2.63
C LEU A 375 2.52 -8.20 1.88
N VAL A 376 2.29 -6.93 1.58
CA VAL A 376 1.13 -6.50 0.80
C VAL A 376 1.62 -6.16 -0.61
N TRP A 377 1.18 -6.92 -1.62
CA TRP A 377 1.60 -6.73 -3.03
C TRP A 377 0.69 -5.74 -3.71
N ARG A 378 1.29 -4.72 -4.34
CA ARG A 378 0.57 -3.73 -5.16
C ARG A 378 -0.06 -4.51 -6.31
N THR A 379 -1.29 -4.15 -6.66
CA THR A 379 -2.07 -4.77 -7.75
C THR A 379 -2.28 -3.71 -8.82
N GLY A 380 -2.59 -4.14 -10.03
CA GLY A 380 -3.05 -3.24 -11.12
C GLY A 380 -1.99 -2.27 -11.57
N PHE A 381 -0.72 -2.65 -11.44
CA PHE A 381 0.46 -1.76 -11.63
C PHE A 381 1.52 -2.47 -12.48
N MET A 382 2.28 -1.67 -13.25
CA MET A 382 3.31 -2.16 -14.20
C MET A 382 4.38 -2.98 -13.46
N LYS A 383 4.71 -2.62 -12.23
CA LYS A 383 5.70 -3.35 -11.40
C LYS A 383 5.00 -4.19 -10.33
N ARG A 384 5.56 -5.34 -10.00
CA ARG A 384 5.32 -6.01 -8.71
C ARG A 384 6.14 -5.25 -7.67
N LEU A 385 5.52 -4.92 -6.55
CA LEU A 385 6.14 -4.06 -5.51
C LEU A 385 5.44 -4.37 -4.21
N PRO A 386 6.16 -4.58 -3.11
CA PRO A 386 5.51 -4.65 -1.81
C PRO A 386 5.15 -3.22 -1.39
N GLU A 387 3.96 -3.01 -0.83
CA GLU A 387 3.51 -1.64 -0.48
C GLU A 387 4.43 -1.08 0.60
N ARG A 388 4.83 -1.95 1.55
CA ARG A 388 5.89 -1.66 2.56
C ARG A 388 6.85 -2.86 2.63
N LEU A 389 8.08 -2.61 3.04
CA LEU A 389 9.11 -3.67 3.16
C LEU A 389 9.79 -3.52 4.49
N PRO A 390 9.16 -3.99 5.58
CA PRO A 390 9.69 -3.78 6.92
C PRO A 390 10.87 -4.73 7.17
N VAL A 391 11.98 -4.16 7.62
CA VAL A 391 13.27 -4.87 7.81
C VAL A 391 13.78 -4.54 9.20
N MET A 392 14.62 -5.43 9.69
CA MET A 392 15.36 -5.27 10.96
C MET A 392 16.79 -5.74 10.72
N TRP A 393 17.70 -5.42 11.64
CA TRP A 393 19.12 -5.74 11.46
C TRP A 393 19.77 -5.87 12.84
N GLY A 394 20.88 -6.58 12.90
CA GLY A 394 21.58 -6.85 14.17
C GLY A 394 22.41 -5.67 14.61
N SER A 395 23.17 -5.82 15.67
CA SER A 395 23.91 -4.70 16.30
C SER A 395 25.37 -4.75 15.86
N GLY A 396 26.13 -3.71 16.23
CA GLY A 396 27.59 -3.61 15.98
C GLY A 396 27.88 -3.27 14.53
N LEU A 397 29.08 -3.61 14.06
CA LEU A 397 29.56 -3.33 12.68
C LEU A 397 29.79 -4.67 11.97
N ILE B 8 -13.57 -28.00 4.04
CA ILE B 8 -13.40 -27.02 5.18
C ILE B 8 -13.19 -25.61 4.59
N LEU B 9 -14.01 -24.67 5.04
CA LEU B 9 -14.06 -23.27 4.56
C LEU B 9 -13.01 -22.43 5.28
N ASP B 10 -12.16 -21.73 4.52
CA ASP B 10 -11.19 -20.78 5.09
C ASP B 10 -11.88 -19.44 5.36
N PHE B 11 -11.48 -18.79 6.45
CA PHE B 11 -11.92 -17.44 6.84
C PHE B 11 -10.68 -16.63 7.18
N PRO B 12 -10.49 -15.38 6.67
CA PRO B 12 -11.54 -14.62 5.98
C PRO B 12 -11.77 -14.99 4.51
N PHE B 13 -12.67 -14.26 3.87
CA PHE B 13 -13.07 -14.54 2.46
C PHE B 13 -12.31 -13.65 1.48
N THR B 14 -12.27 -12.34 1.70
CA THR B 14 -11.61 -11.40 0.77
C THR B 14 -11.24 -10.10 1.47
N TRP B 15 -10.18 -9.45 0.99
CA TRP B 15 -9.82 -8.11 1.52
C TRP B 15 -10.35 -7.00 0.60
N ASP B 16 -11.03 -7.37 -0.47
CA ASP B 16 -11.71 -6.40 -1.37
C ASP B 16 -12.97 -5.88 -0.65
N GLY B 17 -12.99 -4.57 -0.33
CA GLY B 17 -14.07 -3.92 0.43
C GLY B 17 -14.99 -3.10 -0.46
N THR B 18 -15.00 -3.39 -1.76
CA THR B 18 -15.81 -2.64 -2.75
C THR B 18 -17.30 -3.04 -2.58
N HIS B 19 -17.55 -4.28 -2.16
CA HIS B 19 -18.91 -4.84 -2.00
C HIS B 19 -18.84 -6.02 -1.04
N LEU B 20 -19.99 -6.42 -0.47
CA LEU B 20 -20.06 -7.59 0.41
C LEU B 20 -19.54 -8.82 -0.33
N PRO B 21 -18.69 -9.66 0.29
CA PRO B 21 -18.27 -10.90 -0.35
C PRO B 21 -19.48 -11.75 -0.72
N ALA B 22 -19.45 -12.34 -1.92
CA ALA B 22 -20.51 -13.27 -2.41
C ALA B 22 -20.73 -14.40 -1.41
N GLN B 23 -19.69 -14.82 -0.69
CA GLN B 23 -19.82 -15.97 0.24
C GLN B 23 -20.85 -15.66 1.34
N ILE B 24 -21.00 -14.40 1.76
CA ILE B 24 -21.84 -14.07 2.94
C ILE B 24 -23.28 -14.51 2.67
N GLY B 25 -23.83 -14.16 1.49
CA GLY B 25 -25.20 -14.58 1.12
C GLY B 25 -25.37 -16.09 1.12
N GLU B 26 -24.27 -16.85 0.94
CA GLU B 26 -24.33 -18.33 0.80
C GLU B 26 -24.12 -19.02 2.17
N LEU B 27 -23.77 -18.31 3.25
CA LEU B 27 -23.41 -18.95 4.55
C LEU B 27 -24.66 -19.42 5.30
N ALA B 28 -24.56 -20.57 5.96
CA ALA B 28 -25.49 -20.96 7.02
C ALA B 28 -25.22 -20.03 8.22
N PRO B 29 -26.21 -19.81 9.10
CA PRO B 29 -26.04 -18.90 10.24
C PRO B 29 -24.79 -19.17 11.09
N VAL B 30 -24.42 -20.45 11.23
CA VAL B 30 -23.22 -20.89 12.02
C VAL B 30 -22.51 -21.93 11.15
N VAL B 31 -21.21 -21.72 10.89
CA VAL B 31 -20.45 -22.60 9.97
C VAL B 31 -19.03 -22.80 10.50
N LYS B 32 -18.53 -24.03 10.43
CA LYS B 32 -17.17 -24.39 10.86
C LYS B 32 -16.20 -23.77 9.84
N VAL B 33 -15.20 -23.06 10.33
CA VAL B 33 -14.19 -22.46 9.43
C VAL B 33 -12.79 -22.81 9.93
N ARG B 34 -11.80 -22.67 9.06
CA ARG B 34 -10.37 -22.74 9.46
C ARG B 34 -9.82 -21.32 9.48
N THR B 35 -9.19 -20.92 10.57
CA THR B 35 -8.73 -19.52 10.76
C THR B 35 -7.37 -19.31 10.11
N ILE B 36 -6.95 -18.05 10.03
CA ILE B 36 -5.60 -17.69 9.55
C ILE B 36 -4.56 -18.45 10.39
N ALA B 37 -4.76 -18.67 11.69
CA ALA B 37 -3.78 -19.38 12.55
C ALA B 37 -3.84 -20.91 12.38
N GLY B 38 -4.75 -21.41 11.57
CA GLY B 38 -4.94 -22.84 11.30
C GLY B 38 -5.90 -23.49 12.29
N ALA B 39 -6.54 -22.72 13.18
CA ALA B 39 -7.47 -23.28 14.19
C ALA B 39 -8.85 -23.47 13.57
N GLU B 40 -9.72 -24.20 14.28
CA GLU B 40 -11.15 -24.35 13.94
C GLU B 40 -11.88 -23.24 14.67
N ALA B 41 -12.96 -22.75 14.08
CA ALA B 41 -13.84 -21.78 14.74
C ALA B 41 -15.23 -21.91 14.16
N TRP B 42 -16.22 -21.52 14.95
CA TRP B 42 -17.60 -21.32 14.50
C TRP B 42 -17.75 -19.86 14.06
N LEU B 43 -18.04 -19.66 12.79
CA LEU B 43 -18.39 -18.36 12.18
C LEU B 43 -19.90 -18.18 12.28
N VAL B 44 -20.31 -17.12 12.97
CA VAL B 44 -21.73 -16.75 13.22
C VAL B 44 -22.04 -15.50 12.42
N SER B 45 -23.00 -15.58 11.49
CA SER B 45 -23.26 -14.54 10.48
C SER B 45 -24.74 -14.13 10.36
N SER B 46 -25.70 -14.73 11.08
CA SER B 46 -27.12 -14.28 11.07
C SER B 46 -27.28 -13.17 12.10
N TYR B 47 -28.19 -12.21 11.87
CA TYR B 47 -28.43 -11.11 12.84
C TYR B 47 -28.77 -11.71 14.21
N GLU B 48 -29.70 -12.65 14.19
CA GLU B 48 -30.24 -13.31 15.41
C GLU B 48 -29.09 -13.89 16.22
N LEU B 49 -28.17 -14.63 15.58
CA LEU B 49 -27.16 -15.36 16.35
C LEU B 49 -25.99 -14.45 16.72
N VAL B 50 -25.70 -13.44 15.89
CA VAL B 50 -24.67 -12.43 16.24
C VAL B 50 -25.18 -11.72 17.50
N LYS B 51 -26.46 -11.36 17.52
CA LYS B 51 -27.09 -10.74 18.72
C LYS B 51 -26.93 -11.67 19.93
N GLN B 52 -27.33 -12.91 19.79
CA GLN B 52 -27.30 -13.85 20.93
C GLN B 52 -25.87 -13.99 21.47
N VAL B 53 -24.87 -14.17 20.60
CA VAL B 53 -23.47 -14.36 21.07
C VAL B 53 -23.01 -13.08 21.78
N LEU B 54 -23.17 -11.90 21.15
CA LEU B 54 -22.57 -10.66 21.71
C LEU B 54 -23.22 -10.34 23.06
N GLU B 55 -24.47 -10.74 23.28
CA GLU B 55 -25.22 -10.40 24.52
C GLU B 55 -25.09 -11.48 25.61
N ASP B 56 -24.28 -12.51 25.39
CA ASP B 56 -24.13 -13.65 26.34
C ASP B 56 -22.67 -13.75 26.78
N ASP B 57 -22.36 -13.38 28.02
CA ASP B 57 -20.96 -13.29 28.51
C ASP B 57 -20.35 -14.69 28.66
N ARG B 58 -21.10 -15.78 28.44
CA ARG B 58 -20.55 -17.17 28.43
C ARG B 58 -19.70 -17.36 27.17
N PHE B 59 -19.91 -16.50 26.17
CA PHE B 59 -18.96 -16.27 25.04
C PHE B 59 -18.02 -15.14 25.47
N SER B 60 -16.81 -15.53 25.88
CA SER B 60 -15.85 -14.63 26.59
C SER B 60 -14.83 -14.03 25.59
N LEU B 61 -14.72 -12.69 25.55
CA LEU B 61 -13.63 -11.98 24.84
C LEU B 61 -12.32 -12.14 25.60
N LYS B 62 -12.31 -11.90 26.90
CA LYS B 62 -11.11 -11.96 27.79
C LYS B 62 -10.37 -13.29 27.54
N ASN B 63 -11.10 -14.38 27.43
CA ASN B 63 -10.53 -15.75 27.44
C ASN B 63 -9.91 -16.10 26.07
N THR B 64 -10.16 -15.30 25.03
CA THR B 64 -9.58 -15.55 23.69
C THR B 64 -8.07 -15.36 23.74
N SER B 65 -7.54 -14.59 24.69
CA SER B 65 -6.08 -14.33 24.78
C SER B 65 -5.39 -15.34 25.72
N ASP B 66 -6.12 -16.28 26.31
CA ASP B 66 -5.54 -17.31 27.22
C ASP B 66 -4.49 -18.14 26.48
N PRO B 67 -3.40 -18.56 27.14
CA PRO B 67 -2.41 -19.42 26.49
C PRO B 67 -2.99 -20.78 26.05
N GLY B 68 -2.60 -21.22 24.84
CA GLY B 68 -2.89 -22.54 24.26
C GLY B 68 -4.31 -22.68 23.75
N VAL B 69 -5.13 -21.62 23.71
CA VAL B 69 -6.51 -21.74 23.18
C VAL B 69 -6.48 -21.52 21.67
N PRO B 70 -7.49 -22.00 20.93
CA PRO B 70 -7.52 -21.81 19.49
C PRO B 70 -7.62 -20.30 19.17
N ARG B 71 -6.88 -19.86 18.16
CA ARG B 71 -6.68 -18.43 17.82
C ARG B 71 -7.21 -18.17 16.41
N GLN B 72 -7.74 -16.98 16.19
CA GLN B 72 -8.05 -16.45 14.84
C GLN B 72 -6.74 -16.23 14.06
N TYR B 73 -5.75 -15.63 14.72
CA TYR B 73 -4.46 -15.11 14.19
C TYR B 73 -3.61 -14.74 15.42
N ALA B 74 -2.33 -14.44 15.20
CA ALA B 74 -1.35 -14.29 16.29
C ALA B 74 -1.66 -13.01 17.03
N LEU B 75 -1.39 -13.01 18.33
CA LEU B 75 -1.32 -11.79 19.18
C LEU B 75 -0.13 -10.96 18.72
N THR B 76 -0.30 -9.65 18.65
CA THR B 76 0.80 -8.70 18.37
C THR B 76 1.15 -7.95 19.67
N ILE B 77 0.34 -8.09 20.72
CA ILE B 77 0.66 -7.57 22.08
C ILE B 77 1.46 -8.67 22.76
N PRO B 78 2.60 -8.41 23.45
CA PRO B 78 3.36 -9.49 24.07
C PRO B 78 2.60 -10.36 25.08
N PRO B 79 2.95 -11.66 25.24
CA PRO B 79 2.28 -12.52 26.24
C PRO B 79 2.28 -12.00 27.69
N GLU B 80 3.41 -11.47 28.15
CA GLU B 80 3.57 -10.91 29.53
C GLU B 80 2.52 -9.81 29.77
N VAL B 81 2.24 -9.00 28.75
CA VAL B 81 1.32 -7.82 28.87
C VAL B 81 -0.12 -8.32 28.81
N VAL B 82 -0.46 -9.22 27.87
CA VAL B 82 -1.84 -9.79 27.79
C VAL B 82 -2.14 -10.54 29.09
N ASN B 83 -1.12 -11.14 29.74
CA ASN B 83 -1.29 -11.96 30.98
C ASN B 83 -1.34 -11.09 32.25
N ASN B 84 -1.30 -9.77 32.12
CA ASN B 84 -1.35 -8.79 33.25
C ASN B 84 -2.46 -7.77 33.01
N MET B 85 -3.19 -7.89 31.90
CA MET B 85 -4.11 -6.81 31.49
C MET B 85 -5.36 -6.86 32.38
N GLY B 86 -5.64 -8.03 32.97
CA GLY B 86 -6.70 -8.20 33.99
C GLY B 86 -6.39 -7.43 35.28
N ASN B 87 -5.11 -7.19 35.57
CA ASN B 87 -4.69 -6.54 36.85
C ASN B 87 -4.60 -5.02 36.65
N ILE B 88 -4.68 -4.53 35.40
CA ILE B 88 -4.76 -3.06 35.17
C ILE B 88 -6.16 -2.66 35.60
N THR B 89 -6.34 -2.51 36.91
CA THR B 89 -7.64 -2.27 37.60
C THR B 89 -7.55 -1.00 38.45
N GLY B 90 -8.69 -0.31 38.53
CA GLY B 90 -8.86 0.97 39.21
C GLY B 90 -10.16 1.58 38.76
N ALA B 91 -10.98 2.04 39.69
CA ALA B 91 -12.18 2.84 39.36
C ALA B 91 -11.68 4.09 38.64
N GLY B 92 -10.61 4.71 39.16
CA GLY B 92 -10.01 5.97 38.66
C GLY B 92 -9.35 5.80 37.31
N LEU B 93 -9.08 4.55 36.89
CA LEU B 93 -8.46 4.19 35.58
C LEU B 93 -9.52 4.15 34.48
N ARG B 94 -10.60 3.39 34.71
CA ARG B 94 -11.77 3.26 33.80
C ARG B 94 -12.42 4.64 33.67
N LYS B 95 -12.40 5.41 34.76
CA LYS B 95 -12.93 6.80 34.90
C LYS B 95 -12.10 7.74 34.00
N ALA B 96 -10.78 7.61 34.03
CA ALA B 96 -9.85 8.46 33.24
C ALA B 96 -10.11 8.22 31.74
N VAL B 97 -10.25 6.96 31.36
CA VAL B 97 -10.49 6.53 29.95
C VAL B 97 -11.86 7.06 29.52
N MET B 98 -12.91 6.73 30.26
CA MET B 98 -14.30 7.16 29.91
C MET B 98 -14.32 8.68 29.74
N LYS B 99 -13.58 9.41 30.59
CA LYS B 99 -13.52 10.88 30.52
C LYS B 99 -12.81 11.30 29.22
N ALA B 100 -11.67 10.68 28.90
CA ALA B 100 -10.86 11.01 27.70
C ALA B 100 -11.66 10.77 26.41
N ILE B 101 -12.56 9.80 26.38
CA ILE B 101 -13.25 9.48 25.09
C ILE B 101 -14.60 10.19 25.03
N ASN B 102 -14.92 11.08 25.98
CA ASN B 102 -16.23 11.79 25.98
C ASN B 102 -16.14 12.93 24.98
N PRO B 103 -16.99 13.01 23.93
CA PRO B 103 -16.92 14.10 22.95
C PRO B 103 -17.40 15.44 23.49
N LYS B 104 -17.97 15.48 24.69
CA LYS B 104 -18.25 16.75 25.41
C LYS B 104 -17.02 17.25 26.20
N ALA B 105 -15.89 16.52 26.22
CA ALA B 105 -14.63 16.98 26.87
C ALA B 105 -14.31 18.40 26.40
N PRO B 106 -13.87 19.33 27.31
CA PRO B 106 -13.77 20.75 27.00
C PRO B 106 -12.98 21.04 25.71
N GLY B 107 -13.61 21.75 24.77
CA GLY B 107 -12.98 22.18 23.51
C GLY B 107 -12.69 21.08 22.50
N LEU B 108 -12.97 19.80 22.78
CA LEU B 108 -12.60 18.68 21.87
C LEU B 108 -13.43 18.77 20.58
N GLN B 109 -14.73 19.03 20.71
CA GLN B 109 -15.64 19.29 19.56
C GLN B 109 -15.02 20.37 18.67
N GLU B 110 -14.64 21.48 19.30
CA GLU B 110 -14.15 22.70 18.59
C GLU B 110 -12.83 22.33 17.91
N TRP B 111 -12.01 21.52 18.57
CA TRP B 111 -10.73 21.10 17.99
C TRP B 111 -10.97 20.22 16.74
N MET B 112 -11.95 19.32 16.79
CA MET B 112 -12.24 18.38 15.68
C MET B 112 -12.74 19.17 14.47
N GLU B 113 -13.66 20.09 14.67
CA GLU B 113 -14.24 20.91 13.58
C GLU B 113 -13.14 21.74 12.95
N GLU B 114 -12.26 22.33 13.77
CA GLU B 114 -11.13 23.16 13.28
C GLU B 114 -10.18 22.28 12.46
N HIS B 115 -9.83 21.11 12.97
CA HIS B 115 -8.78 20.32 12.29
C HIS B 115 -9.35 19.73 11.00
N ALA B 116 -10.60 19.27 11.02
CA ALA B 116 -11.24 18.75 9.79
C ALA B 116 -11.20 19.87 8.75
N ALA B 117 -11.55 21.12 9.13
CA ALA B 117 -11.65 22.25 8.18
C ALA B 117 -10.27 22.49 7.58
N GLU B 118 -9.24 22.47 8.42
CA GLU B 118 -7.84 22.78 8.03
C GLU B 118 -7.35 21.70 7.05
N LEU B 119 -7.67 20.43 7.31
CA LEU B 119 -7.17 19.35 6.42
C LEU B 119 -7.84 19.51 5.07
N VAL B 120 -9.13 19.83 5.05
CA VAL B 120 -9.87 19.99 3.76
C VAL B 120 -9.31 21.20 3.00
N GLU B 121 -9.02 22.32 3.67
CA GLU B 121 -8.41 23.52 3.01
C GLU B 121 -7.08 23.13 2.38
N ARG B 122 -6.29 22.26 3.02
CA ARG B 122 -4.99 21.81 2.44
C ARG B 122 -5.22 20.97 1.19
N MET B 123 -6.25 20.13 1.16
CA MET B 123 -6.54 19.36 -0.08
C MET B 123 -7.00 20.32 -1.18
N LEU B 124 -7.82 21.31 -0.84
CA LEU B 124 -8.30 22.33 -1.81
C LEU B 124 -7.12 23.10 -2.39
N LYS B 125 -6.14 23.50 -1.57
CA LYS B 125 -4.94 24.27 -1.98
C LYS B 125 -4.05 23.39 -2.87
N HIS B 126 -3.91 22.11 -2.54
CA HIS B 126 -3.16 21.11 -3.37
C HIS B 126 -3.81 20.96 -4.76
N GLY B 127 -5.12 20.77 -4.82
CA GLY B 127 -5.83 20.57 -6.10
C GLY B 127 -5.97 19.09 -6.39
N ALA B 128 -6.93 18.74 -7.23
CA ALA B 128 -7.21 17.34 -7.62
C ALA B 128 -6.08 16.81 -8.50
N PRO B 129 -5.69 15.52 -8.38
CA PRO B 129 -6.26 14.58 -7.41
C PRO B 129 -5.49 14.55 -6.09
N VAL B 130 -6.11 14.06 -5.01
CA VAL B 130 -5.41 13.88 -3.72
C VAL B 130 -5.73 12.49 -3.21
N ASP B 131 -4.86 11.96 -2.35
CA ASP B 131 -5.11 10.69 -1.64
C ASP B 131 -5.91 11.09 -0.41
N ILE B 132 -7.19 10.81 -0.39
CA ILE B 132 -8.00 11.31 0.74
C ILE B 132 -7.66 10.51 2.02
N ARG B 133 -6.93 9.39 1.97
CA ARG B 133 -6.52 8.71 3.23
C ARG B 133 -5.34 9.47 3.84
N SER B 134 -4.23 9.65 3.14
CA SER B 134 -3.03 10.30 3.74
C SER B 134 -3.29 11.79 4.00
N MET B 135 -4.17 12.44 3.25
CA MET B 135 -4.42 13.90 3.45
C MET B 135 -5.65 14.18 4.35
N PHE B 136 -6.47 13.18 4.69
CA PHE B 136 -7.66 13.43 5.54
C PHE B 136 -7.88 12.31 6.57
N THR B 137 -8.32 11.15 6.15
CA THR B 137 -8.86 10.14 7.10
C THR B 137 -7.78 9.75 8.12
N ASP B 138 -6.51 9.59 7.73
CA ASP B 138 -5.43 9.19 8.67
C ASP B 138 -5.08 10.35 9.61
N PRO B 139 -4.63 11.53 9.12
CA PRO B 139 -4.29 12.63 10.02
C PRO B 139 -5.45 13.06 10.93
N PHE B 140 -6.68 13.07 10.43
CA PHE B 140 -7.85 13.49 11.24
C PHE B 140 -8.05 12.53 12.43
N SER B 141 -7.89 11.23 12.16
CA SER B 141 -7.98 10.16 13.17
C SER B 141 -6.80 10.22 14.16
N GLU B 142 -5.59 10.30 13.67
CA GLU B 142 -4.37 10.24 14.49
C GLU B 142 -4.26 11.47 15.39
N ALA B 143 -4.51 12.67 14.85
CA ALA B 143 -4.39 13.92 15.63
C ALA B 143 -5.47 13.94 16.73
N MET B 144 -6.67 13.46 16.44
CA MET B 144 -7.74 13.43 17.46
C MET B 144 -7.30 12.53 18.64
N HIS B 145 -6.61 11.42 18.35
CA HIS B 145 -6.16 10.50 19.43
C HIS B 145 -5.01 11.15 20.23
N CYS B 146 -4.12 11.90 19.61
CA CYS B 146 -3.12 12.65 20.40
C CYS B 146 -3.83 13.64 21.33
N GLN B 147 -4.86 14.30 20.83
CA GLN B 147 -5.59 15.35 21.56
C GLN B 147 -6.16 14.73 22.82
N ILE B 148 -6.83 13.59 22.69
CA ILE B 148 -7.51 12.97 23.87
C ILE B 148 -6.48 12.34 24.80
N LEU B 149 -5.31 11.91 24.32
CA LEU B 149 -4.22 11.39 25.20
C LEU B 149 -3.49 12.55 25.91
N GLY B 150 -3.57 13.75 25.34
CA GLY B 150 -2.94 14.98 25.85
C GLY B 150 -1.49 15.08 25.44
N ILE B 151 -1.08 14.30 24.44
CA ILE B 151 0.35 14.24 24.01
C ILE B 151 0.49 15.13 22.80
N PRO B 152 1.73 15.54 22.44
CA PRO B 152 1.93 16.42 21.29
C PRO B 152 1.49 15.72 19.99
N HIS B 153 0.93 16.51 19.07
CA HIS B 153 0.39 16.04 17.76
C HIS B 153 1.52 15.54 16.84
N GLU B 154 2.75 16.01 17.03
CA GLU B 154 3.95 15.53 16.28
C GLU B 154 4.23 14.07 16.64
N ALA B 155 3.66 13.55 17.73
CA ALA B 155 3.73 12.11 18.08
C ALA B 155 2.94 11.26 17.06
N ALA B 156 1.92 11.80 16.41
CA ALA B 156 0.99 11.03 15.54
C ALA B 156 1.80 10.15 14.58
N PRO B 157 2.69 10.68 13.71
CA PRO B 157 3.38 9.82 12.74
C PRO B 157 4.22 8.69 13.37
N LEU B 158 4.90 8.95 14.49
CA LEU B 158 5.71 7.92 15.20
C LEU B 158 4.76 6.77 15.58
N LEU B 159 3.73 7.07 16.38
CA LEU B 159 2.81 6.03 16.91
C LEU B 159 2.04 5.34 15.79
N SER B 160 1.62 6.08 14.76
CA SER B 160 0.75 5.52 13.70
C SER B 160 1.55 4.59 12.77
N GLU B 161 2.88 4.76 12.69
CA GLU B 161 3.77 3.92 11.85
C GLU B 161 3.72 2.46 12.32
N SER B 162 3.47 2.19 13.60
CA SER B 162 3.33 0.82 14.16
C SER B 162 2.05 0.12 13.67
N LEU B 163 1.02 0.86 13.21
CA LEU B 163 -0.34 0.30 13.13
C LEU B 163 -0.49 -0.68 11.96
N PRO B 164 0.12 -0.47 10.78
CA PRO B 164 0.02 -1.46 9.70
C PRO B 164 0.59 -2.83 10.08
N ILE B 165 1.42 -2.90 11.12
CA ILE B 165 1.94 -4.20 11.64
C ILE B 165 1.16 -4.63 12.87
N ALA B 166 0.84 -3.73 13.81
CA ALA B 166 0.17 -4.05 15.10
C ALA B 166 -1.17 -4.72 14.84
N PHE B 167 -1.87 -4.39 13.76
CA PHE B 167 -3.20 -4.96 13.47
C PHE B 167 -3.15 -5.92 12.28
N MET B 168 -1.96 -6.44 11.96
CA MET B 168 -1.83 -7.59 11.04
C MET B 168 -2.59 -8.79 11.61
N ASN B 169 -3.13 -9.61 10.72
CA ASN B 169 -3.77 -10.90 11.04
C ASN B 169 -2.83 -11.94 10.44
N SER B 170 -1.85 -12.40 11.21
CA SER B 170 -0.76 -13.31 10.79
C SER B 170 -0.95 -14.71 11.36
N PRO B 171 -0.61 -15.79 10.64
CA PRO B 171 -0.59 -17.15 11.20
C PRO B 171 0.18 -17.26 12.52
N ARG B 172 1.35 -16.60 12.55
CA ARG B 172 2.34 -16.69 13.66
C ARG B 172 2.85 -15.30 14.03
N GLU B 173 3.62 -15.25 15.11
CA GLU B 173 4.09 -14.02 15.76
C GLU B 173 4.91 -13.21 14.76
N ILE B 174 4.84 -11.88 14.89
CA ILE B 174 5.45 -10.91 13.96
C ILE B 174 6.56 -10.22 14.73
N PRO B 175 7.85 -10.46 14.44
CA PRO B 175 8.94 -9.80 15.16
C PRO B 175 8.83 -8.26 15.27
N ALA B 176 8.46 -7.60 14.18
CA ALA B 176 8.31 -6.13 14.10
C ALA B 176 7.30 -5.64 15.14
N ALA B 177 6.27 -6.44 15.42
CA ALA B 177 5.22 -6.05 16.40
C ALA B 177 5.86 -5.93 17.80
N ARG B 178 6.73 -6.86 18.17
CA ARG B 178 7.47 -6.81 19.45
C ARG B 178 8.34 -5.54 19.50
N LEU B 179 9.12 -5.26 18.44
CA LEU B 179 10.05 -4.11 18.43
C LEU B 179 9.28 -2.81 18.52
N ASN B 180 8.18 -2.70 17.77
CA ASN B 180 7.33 -1.49 17.75
C ASN B 180 6.67 -1.29 19.10
N TRP B 181 6.22 -2.39 19.70
CA TRP B 181 5.54 -2.39 21.01
C TRP B 181 6.48 -1.76 22.06
N ASP B 182 7.72 -2.24 22.16
CA ASP B 182 8.68 -1.76 23.18
C ASP B 182 9.00 -0.29 22.93
N ARG B 183 9.13 0.11 21.66
CA ARG B 183 9.42 1.53 21.32
C ARG B 183 8.22 2.44 21.73
N ASP B 184 6.99 2.05 21.44
CA ASP B 184 5.77 2.84 21.74
C ASP B 184 5.57 2.91 23.27
N ILE B 185 5.78 1.80 23.99
CA ILE B 185 5.70 1.77 25.48
C ILE B 185 6.75 2.71 26.07
N ALA B 186 7.97 2.71 25.53
CA ALA B 186 9.05 3.63 25.97
C ALA B 186 8.58 5.08 25.77
N TYR B 187 7.98 5.39 24.62
CA TYR B 187 7.52 6.77 24.30
C TYR B 187 6.46 7.15 25.34
N MET B 188 5.46 6.30 25.51
CA MET B 188 4.31 6.66 26.37
C MET B 188 4.77 6.74 27.84
N THR B 189 5.78 5.97 28.22
CA THR B 189 6.37 5.95 29.58
C THR B 189 6.97 7.32 29.85
N ALA B 190 7.76 7.83 28.91
CA ALA B 190 8.42 9.14 28.98
C ALA B 190 7.33 10.21 29.15
N ARG B 191 6.15 10.03 28.52
CA ARG B 191 5.04 11.03 28.53
C ARG B 191 4.37 11.12 29.91
N LEU B 192 4.36 10.05 30.70
CA LEU B 192 3.78 10.04 32.06
C LEU B 192 4.45 11.08 32.96
N ASP B 193 5.69 11.44 32.66
CA ASP B 193 6.57 12.33 33.47
C ASP B 193 6.46 13.78 33.04
N ASP B 194 5.93 14.07 31.85
CA ASP B 194 5.96 15.45 31.28
C ASP B 194 4.62 15.81 30.63
N THR B 195 3.53 15.11 30.97
CA THR B 195 2.21 15.39 30.36
C THR B 195 1.23 15.73 31.47
N GLU B 196 0.63 16.93 31.43
CA GLU B 196 -0.21 17.49 32.52
C GLU B 196 -1.70 17.33 32.21
N GLN B 197 -2.08 16.96 30.98
CA GLN B 197 -3.51 16.95 30.54
C GLN B 197 -3.85 15.69 29.75
N GLY B 198 -5.11 15.56 29.37
CA GLY B 198 -5.66 14.38 28.67
C GLY B 198 -5.53 13.09 29.47
N LEU B 199 -5.73 11.96 28.81
CA LEU B 199 -5.65 10.64 29.46
C LEU B 199 -4.29 10.48 30.13
N ILE B 200 -3.21 10.83 29.46
CA ILE B 200 -1.85 10.53 30.00
C ILE B 200 -1.60 11.38 31.25
N GLY B 201 -1.98 12.65 31.20
CA GLY B 201 -1.97 13.56 32.37
C GLY B 201 -2.73 12.98 33.54
N ASP B 202 -3.88 12.34 33.28
CA ASP B 202 -4.72 11.75 34.35
C ASP B 202 -4.08 10.47 34.91
N LEU B 203 -3.53 9.61 34.05
CA LEU B 203 -2.85 8.38 34.54
C LEU B 203 -1.65 8.80 35.41
N ALA B 204 -0.98 9.88 35.06
CA ALA B 204 0.21 10.37 35.78
C ALA B 204 -0.17 10.69 37.23
N LYS B 205 -1.29 11.41 37.42
CA LYS B 205 -1.82 11.87 38.73
C LYS B 205 -2.20 10.64 39.59
N LEU B 206 -2.57 9.52 38.96
CA LEU B 206 -2.96 8.28 39.68
C LEU B 206 -1.72 7.48 40.09
N ARG B 207 -0.57 7.78 39.48
CA ARG B 207 0.64 6.92 39.56
C ARG B 207 1.32 7.13 40.92
N GLY B 208 1.57 6.03 41.63
CA GLY B 208 2.23 6.00 42.96
C GLY B 208 1.30 6.45 44.08
N THR B 209 -0.01 6.42 43.87
CA THR B 209 -1.03 6.80 44.89
C THR B 209 -1.78 5.55 45.34
N GLU B 210 -2.60 5.69 46.38
CA GLU B 210 -3.27 4.61 47.15
C GLU B 210 -4.17 3.79 46.19
N GLY B 211 -3.99 2.46 46.16
CA GLY B 211 -4.76 1.53 45.30
C GLY B 211 -4.14 1.33 43.92
N TYR B 212 -2.99 1.98 43.65
CA TYR B 212 -2.28 1.96 42.33
C TYR B 212 -0.82 1.54 42.48
N GLU B 213 -0.45 0.94 43.62
CA GLU B 213 0.95 0.52 43.90
C GLU B 213 1.25 -0.73 43.09
N HIS B 214 0.23 -1.54 42.78
CA HIS B 214 0.35 -2.78 41.96
C HIS B 214 0.36 -2.46 40.45
N VAL B 215 0.29 -1.18 40.05
CA VAL B 215 0.21 -0.74 38.62
C VAL B 215 1.52 -0.02 38.24
N SER B 216 2.36 -0.69 37.47
CA SER B 216 3.65 -0.18 36.96
C SER B 216 3.41 0.92 35.92
N ASP B 217 4.43 1.73 35.67
CA ASP B 217 4.51 2.71 34.56
C ASP B 217 4.20 2.00 33.23
N GLU B 218 4.81 0.84 32.99
CA GLU B 218 4.58 0.01 31.76
C GLU B 218 3.08 -0.26 31.59
N MET B 219 2.38 -0.57 32.68
CA MET B 219 0.93 -0.89 32.66
C MET B 219 0.12 0.40 32.37
N PHE B 220 0.46 1.52 32.98
CA PHE B 220 -0.13 2.85 32.63
C PHE B 220 0.13 3.13 31.15
N ALA B 221 1.36 2.92 30.70
CA ALA B 221 1.75 3.20 29.31
C ALA B 221 0.96 2.30 28.37
N THR B 222 0.68 1.08 28.79
CA THR B 222 -0.12 0.08 28.03
C THR B 222 -1.50 0.67 27.71
N VAL B 223 -2.10 1.38 28.65
CA VAL B 223 -3.45 1.96 28.46
C VAL B 223 -3.39 2.97 27.31
N GLY B 224 -2.38 3.85 27.32
CA GLY B 224 -2.14 4.86 26.28
C GLY B 224 -1.96 4.23 24.91
N VAL B 225 -1.01 3.31 24.78
CA VAL B 225 -0.67 2.66 23.48
C VAL B 225 -1.89 1.91 22.97
N THR B 226 -2.57 1.13 23.80
CA THR B 226 -3.66 0.26 23.27
C THR B 226 -4.86 1.12 22.88
N LEU B 227 -5.16 2.19 23.63
CA LEU B 227 -6.31 3.07 23.31
C LEU B 227 -6.01 3.81 21.99
N PHE B 228 -4.80 4.35 21.86
CA PHE B 228 -4.36 5.04 20.63
C PHE B 228 -4.52 4.09 19.44
N GLY B 229 -3.96 2.88 19.55
CA GLY B 229 -4.08 1.89 18.46
C GLY B 229 -5.52 1.54 18.13
N ALA B 230 -6.30 1.14 19.13
CA ALA B 230 -7.69 0.70 18.92
C ALA B 230 -8.50 1.85 18.29
N GLY B 231 -8.46 3.03 18.90
CA GLY B 231 -9.26 4.17 18.42
C GLY B 231 -8.83 4.63 17.04
N VAL B 232 -7.52 4.75 16.80
CA VAL B 232 -7.02 5.25 15.51
C VAL B 232 -7.40 4.25 14.39
N ILE B 233 -7.15 2.96 14.58
CA ILE B 233 -7.44 1.96 13.51
C ILE B 233 -8.95 1.90 13.26
N SER B 234 -9.78 2.02 14.30
CA SER B 234 -11.25 1.91 14.12
C SER B 234 -11.77 3.15 13.37
N THR B 235 -11.34 4.34 13.76
CA THR B 235 -11.87 5.62 13.19
C THR B 235 -11.29 5.79 11.79
N ALA B 236 -10.00 5.57 11.63
CA ALA B 236 -9.36 5.77 10.30
C ALA B 236 -9.90 4.71 9.32
N GLY B 237 -10.17 3.51 9.82
CA GLY B 237 -10.71 2.42 8.99
C GLY B 237 -12.13 2.70 8.57
N PHE B 238 -12.95 3.14 9.51
CA PHE B 238 -14.38 3.46 9.28
C PHE B 238 -14.47 4.61 8.26
N LEU B 239 -13.78 5.71 8.55
CA LEU B 239 -13.81 6.91 7.67
C LEU B 239 -13.38 6.55 6.23
N ALA B 240 -12.26 5.86 6.07
CA ALA B 240 -11.73 5.50 4.74
C ALA B 240 -12.83 4.71 4.02
N MET B 241 -13.45 3.75 4.70
CA MET B 241 -14.42 2.81 4.08
C MET B 241 -15.80 3.47 3.94
N ALA B 242 -16.10 4.49 4.73
CA ALA B 242 -17.33 5.29 4.56
C ALA B 242 -17.17 6.12 3.28
N LEU B 243 -15.99 6.69 3.05
CA LEU B 243 -15.67 7.37 1.80
C LEU B 243 -15.73 6.38 0.63
N VAL B 244 -15.22 5.16 0.75
CA VAL B 244 -15.37 4.16 -0.35
C VAL B 244 -16.85 3.94 -0.62
N THR B 245 -17.70 3.84 0.40
CA THR B 245 -19.15 3.66 0.18
C THR B 245 -19.67 4.85 -0.63
N LEU B 246 -19.38 6.07 -0.20
CA LEU B 246 -19.89 7.29 -0.86
C LEU B 246 -19.32 7.42 -2.28
N LEU B 247 -18.06 7.00 -2.48
CA LEU B 247 -17.41 7.21 -3.79
C LEU B 247 -17.91 6.15 -4.77
N THR B 248 -18.51 5.05 -4.29
CA THR B 248 -19.13 4.02 -5.16
C THR B 248 -20.64 4.28 -5.31
N HIS B 249 -21.16 5.34 -4.67
CA HIS B 249 -22.58 5.77 -4.76
C HIS B 249 -22.62 7.27 -4.99
N PRO B 250 -22.04 7.75 -6.09
CA PRO B 250 -21.86 9.19 -6.31
C PRO B 250 -23.16 10.02 -6.24
N GLU B 251 -24.29 9.47 -6.69
CA GLU B 251 -25.61 10.17 -6.65
C GLU B 251 -25.98 10.40 -5.18
N GLU B 252 -25.77 9.39 -4.33
CA GLU B 252 -26.11 9.44 -2.90
C GLU B 252 -25.16 10.40 -2.20
N ALA B 253 -23.89 10.43 -2.56
CA ALA B 253 -22.90 11.37 -1.96
C ALA B 253 -23.33 12.82 -2.26
N ASP B 254 -23.65 13.12 -3.52
CA ASP B 254 -24.04 14.47 -3.98
C ASP B 254 -25.29 14.90 -3.19
N HIS B 255 -26.26 14.00 -3.03
CA HIS B 255 -27.51 14.27 -2.27
C HIS B 255 -27.16 14.62 -0.82
N LEU B 256 -26.31 13.82 -0.17
CA LEU B 256 -25.92 14.04 1.23
C LEU B 256 -25.21 15.37 1.36
N ALA B 257 -24.33 15.68 0.42
CA ALA B 257 -23.58 16.97 0.40
C ALA B 257 -24.56 18.14 0.49
N ASP B 258 -25.68 18.07 -0.22
CA ASP B 258 -26.69 19.16 -0.29
C ASP B 258 -27.67 19.11 0.88
N HIS B 259 -27.60 18.07 1.73
CA HIS B 259 -28.57 17.80 2.81
C HIS B 259 -27.89 17.53 4.13
N PRO B 260 -27.21 18.54 4.73
CA PRO B 260 -26.58 18.36 6.04
C PRO B 260 -27.57 17.85 7.12
N GLU B 261 -28.87 18.07 6.94
CA GLU B 261 -29.89 17.68 7.93
C GLU B 261 -29.98 16.15 7.99
N LEU B 262 -29.49 15.45 6.96
CA LEU B 262 -29.50 13.97 6.89
C LEU B 262 -28.24 13.37 7.49
N MET B 263 -27.30 14.16 7.99
CA MET B 263 -26.00 13.58 8.42
C MET B 263 -26.19 12.54 9.55
N PRO B 264 -26.99 12.78 10.63
CA PRO B 264 -27.15 11.75 11.67
C PRO B 264 -27.66 10.39 11.12
N GLN B 265 -28.66 10.44 10.27
CA GLN B 265 -29.24 9.23 9.63
C GLN B 265 -28.19 8.57 8.72
N ALA B 266 -27.51 9.38 7.92
CA ALA B 266 -26.49 8.95 6.94
C ALA B 266 -25.36 8.23 7.66
N VAL B 267 -24.91 8.77 8.78
CA VAL B 267 -23.81 8.10 9.53
C VAL B 267 -24.27 6.73 10.04
N ASP B 268 -25.51 6.60 10.50
CA ASP B 268 -26.04 5.27 10.91
C ASP B 268 -26.04 4.29 9.72
N GLU B 269 -26.49 4.73 8.54
CA GLU B 269 -26.56 3.83 7.37
C GLU B 269 -25.14 3.57 6.82
N LEU B 270 -24.21 4.52 6.92
CA LEU B 270 -22.80 4.26 6.53
C LEU B 270 -22.19 3.22 7.48
N LEU B 271 -22.57 3.25 8.75
CA LEU B 271 -22.05 2.27 9.72
C LEU B 271 -22.61 0.89 9.37
N ARG B 272 -23.90 0.84 9.07
CA ARG B 272 -24.55 -0.45 8.80
C ARG B 272 -23.92 -1.12 7.55
N ILE B 273 -23.65 -0.36 6.48
CA ILE B 273 -23.17 -0.91 5.18
C ILE B 273 -21.63 -0.98 5.15
N ASN B 274 -20.96 -0.55 6.21
CA ASN B 274 -19.49 -0.42 6.22
C ASN B 274 -18.81 -1.81 6.14
N LEU B 275 -17.72 -1.89 5.39
CA LEU B 275 -16.96 -3.14 5.13
C LEU B 275 -15.53 -3.06 5.66
N SER B 276 -15.28 -2.16 6.62
CA SER B 276 -13.96 -2.00 7.25
C SER B 276 -13.57 -3.28 8.01
N ILE B 277 -14.48 -3.97 8.70
CA ILE B 277 -14.10 -5.12 9.57
C ILE B 277 -13.63 -6.28 8.69
N GLY B 278 -12.36 -6.66 8.81
CA GLY B 278 -11.72 -7.66 7.93
C GLY B 278 -11.57 -9.01 8.60
N ASP B 279 -12.05 -9.15 9.83
CA ASP B 279 -11.93 -10.39 10.64
C ASP B 279 -13.29 -10.65 11.27
N GLY B 280 -13.31 -11.49 12.30
CA GLY B 280 -14.49 -11.74 13.12
C GLY B 280 -14.19 -11.25 14.51
N LEU B 281 -15.22 -10.89 15.29
CA LEU B 281 -15.05 -10.52 16.72
C LEU B 281 -14.97 -11.82 17.49
N PRO B 282 -13.83 -12.10 18.15
CA PRO B 282 -13.63 -13.42 18.72
C PRO B 282 -14.26 -13.60 20.11
N ARG B 283 -14.82 -14.79 20.37
CA ARG B 283 -15.27 -15.19 21.73
C ARG B 283 -14.90 -16.66 21.97
N LEU B 284 -14.49 -16.98 23.19
CA LEU B 284 -14.26 -18.39 23.60
C LEU B 284 -15.48 -18.88 24.39
N ALA B 285 -16.07 -19.99 23.98
CA ALA B 285 -17.16 -20.67 24.73
C ALA B 285 -16.63 -21.13 26.09
N MET B 286 -17.20 -20.61 27.19
CA MET B 286 -16.78 -20.95 28.57
C MET B 286 -17.61 -22.13 29.11
N GLU B 287 -18.58 -22.61 28.33
CA GLU B 287 -19.31 -23.87 28.64
C GLU B 287 -20.01 -24.37 27.37
N ASP B 288 -20.42 -25.63 27.36
CA ASP B 288 -21.17 -26.21 26.21
C ASP B 288 -22.45 -25.41 26.06
N MET B 289 -22.84 -25.12 24.83
CA MET B 289 -24.00 -24.27 24.49
C MET B 289 -24.39 -24.60 23.06
N THR B 290 -25.68 -24.54 22.76
CA THR B 290 -26.18 -24.71 21.38
C THR B 290 -26.32 -23.30 20.79
N LEU B 291 -26.07 -23.15 19.50
CA LEU B 291 -26.20 -21.90 18.74
C LEU B 291 -26.92 -22.23 17.45
N GLY B 292 -28.20 -21.87 17.31
CA GLY B 292 -29.06 -22.41 16.26
C GLY B 292 -28.93 -23.93 16.21
N GLU B 293 -28.49 -24.46 15.06
CA GLU B 293 -28.39 -25.92 14.76
C GLU B 293 -27.13 -26.52 15.39
N VAL B 294 -26.19 -25.71 15.84
CA VAL B 294 -24.82 -26.18 16.18
C VAL B 294 -24.66 -26.23 17.69
N GLU B 295 -24.02 -27.31 18.15
CA GLU B 295 -23.60 -27.56 19.54
C GLU B 295 -22.15 -27.10 19.71
N VAL B 296 -21.94 -26.06 20.50
CA VAL B 296 -20.61 -25.43 20.74
C VAL B 296 -20.08 -26.04 22.03
N LYS B 297 -18.83 -26.47 22.04
CA LYS B 297 -18.24 -27.15 23.22
C LYS B 297 -17.41 -26.12 23.96
N LYS B 298 -17.28 -26.29 25.26
CA LYS B 298 -16.41 -25.46 26.13
C LYS B 298 -15.02 -25.33 25.48
N GLY B 299 -14.46 -24.13 25.40
CA GLY B 299 -13.08 -23.87 24.93
C GLY B 299 -12.98 -23.70 23.42
N GLU B 300 -14.07 -23.84 22.68
CA GLU B 300 -14.09 -23.65 21.20
C GLU B 300 -14.16 -22.14 20.88
N LEU B 301 -13.57 -21.76 19.77
CA LEU B 301 -13.52 -20.35 19.32
C LEU B 301 -14.75 -20.02 18.50
N VAL B 302 -15.41 -18.93 18.82
CA VAL B 302 -16.57 -18.40 18.05
C VAL B 302 -16.12 -17.07 17.45
N LEU B 303 -16.38 -16.89 16.16
CA LEU B 303 -16.13 -15.64 15.45
C LEU B 303 -17.45 -15.01 15.02
N VAL B 304 -17.75 -13.86 15.61
CA VAL B 304 -18.94 -13.06 15.23
C VAL B 304 -18.60 -12.20 14.00
N LEU B 305 -19.45 -12.26 12.98
CA LEU B 305 -19.30 -11.55 11.69
C LEU B 305 -20.30 -10.40 11.62
N PRO B 306 -19.94 -9.17 12.03
CA PRO B 306 -20.87 -8.03 11.93
C PRO B 306 -21.47 -7.84 10.53
N GLU B 307 -20.70 -8.00 9.46
CA GLU B 307 -21.24 -7.78 8.09
C GLU B 307 -22.26 -8.86 7.73
N GLY B 308 -22.21 -10.03 8.35
CA GLY B 308 -23.29 -11.02 8.18
C GLY B 308 -24.58 -10.47 8.75
N ALA B 309 -24.54 -9.95 9.98
CA ALA B 309 -25.74 -9.41 10.67
C ALA B 309 -26.23 -8.18 9.93
N ASN B 310 -25.30 -7.33 9.51
CA ASN B 310 -25.62 -5.99 8.96
C ASN B 310 -26.18 -6.10 7.55
N PHE B 311 -25.95 -7.23 6.88
CA PHE B 311 -26.53 -7.47 5.53
C PHE B 311 -27.53 -8.63 5.58
N ASP B 312 -28.06 -8.96 6.74
CA ASP B 312 -29.07 -10.04 6.90
C ASP B 312 -30.39 -9.52 6.38
N PRO B 313 -30.87 -10.05 5.24
CA PRO B 313 -32.05 -9.50 4.57
C PRO B 313 -33.34 -9.65 5.41
N SER B 314 -33.35 -10.52 6.42
CA SER B 314 -34.49 -10.73 7.35
C SER B 314 -34.66 -9.51 8.27
N VAL B 315 -33.62 -8.70 8.47
CA VAL B 315 -33.61 -7.52 9.38
C VAL B 315 -33.45 -6.27 8.53
N PHE B 316 -32.63 -6.33 7.48
CA PHE B 316 -32.33 -5.17 6.62
C PHE B 316 -32.68 -5.53 5.18
N PRO B 317 -33.98 -5.50 4.80
CA PRO B 317 -34.38 -5.81 3.42
C PRO B 317 -33.65 -4.92 2.41
N ASP B 318 -33.30 -5.52 1.26
CA ASP B 318 -32.48 -4.91 0.18
C ASP B 318 -31.19 -4.39 0.84
N PRO B 319 -30.43 -5.31 1.46
CA PRO B 319 -29.31 -4.94 2.34
C PRO B 319 -28.13 -4.28 1.64
N HIS B 320 -27.98 -4.51 0.33
CA HIS B 320 -26.87 -3.95 -0.48
C HIS B 320 -27.16 -2.49 -0.84
N ARG B 321 -28.41 -2.02 -0.70
CA ARG B 321 -28.75 -0.62 -1.09
C ARG B 321 -28.31 0.36 0.00
N LEU B 322 -27.64 1.43 -0.40
CA LEU B 322 -27.30 2.56 0.50
C LEU B 322 -28.56 3.42 0.65
N ASP B 323 -29.27 3.32 1.77
CA ASP B 323 -30.54 4.06 1.96
C ASP B 323 -30.44 4.89 3.23
N PHE B 324 -30.22 6.19 3.11
CA PHE B 324 -29.99 7.08 4.27
C PHE B 324 -31.26 7.15 5.13
N THR B 325 -32.42 6.83 4.57
CA THR B 325 -33.74 6.90 5.26
C THR B 325 -34.11 5.53 5.84
N ARG B 326 -33.28 4.50 5.67
CA ARG B 326 -33.57 3.16 6.25
C ARG B 326 -33.92 3.31 7.73
N ALA B 327 -35.10 2.80 8.13
CA ALA B 327 -35.71 3.10 9.45
C ALA B 327 -34.87 2.48 10.58
N ASN B 328 -34.26 1.33 10.36
CA ASN B 328 -33.57 0.58 11.44
C ASN B 328 -32.04 0.57 11.23
N SER B 329 -31.48 1.53 10.51
CA SER B 329 -30.02 1.69 10.31
C SER B 329 -29.27 1.55 11.64
N SER B 330 -29.77 2.19 12.69
CA SER B 330 -29.07 2.28 14.01
C SER B 330 -29.09 0.94 14.76
N ALA B 331 -29.75 -0.09 14.26
CA ALA B 331 -29.73 -1.44 14.85
C ALA B 331 -28.53 -2.27 14.35
N HIS B 332 -27.53 -1.68 13.69
CA HIS B 332 -26.34 -2.40 13.13
C HIS B 332 -25.41 -2.92 14.25
N PHE B 333 -24.49 -3.80 13.90
CA PHE B 333 -23.50 -4.39 14.84
C PHE B 333 -22.09 -3.86 14.59
N SER B 334 -21.96 -2.70 13.95
CA SER B 334 -20.63 -2.16 13.55
C SER B 334 -19.90 -1.60 14.77
N PHE B 335 -20.60 -1.43 15.90
CA PHE B 335 -19.97 -1.06 17.19
C PHE B 335 -20.05 -2.24 18.15
N GLY B 336 -20.40 -3.42 17.62
CA GLY B 336 -20.55 -4.62 18.46
C GLY B 336 -21.84 -4.57 19.27
N GLY B 337 -21.82 -5.15 20.46
CA GLY B 337 -23.03 -5.41 21.27
C GLY B 337 -22.68 -6.00 22.62
N GLY B 338 -23.58 -5.88 23.60
CA GLY B 338 -23.43 -6.55 24.89
C GLY B 338 -22.39 -5.87 25.74
N SER B 339 -21.74 -6.63 26.61
CA SER B 339 -20.75 -6.13 27.59
C SER B 339 -19.58 -5.42 26.90
N HIS B 340 -19.18 -5.85 25.70
CA HIS B 340 -17.97 -5.29 25.02
C HIS B 340 -18.38 -4.30 23.93
N TYR B 341 -19.59 -3.78 24.00
CA TYR B 341 -20.05 -2.71 23.08
C TYR B 341 -19.01 -1.59 23.08
N CYS B 342 -18.67 -1.05 21.91
CA CYS B 342 -17.64 -0.01 21.85
C CYS B 342 -17.93 1.04 22.91
N PRO B 343 -16.99 1.37 23.80
CA PRO B 343 -17.22 2.41 24.79
C PRO B 343 -17.15 3.83 24.20
N ALA B 344 -16.71 3.99 22.95
CA ALA B 344 -16.38 5.31 22.36
C ALA B 344 -17.35 5.61 21.25
N THR B 345 -18.53 4.98 21.21
CA THR B 345 -19.41 5.15 20.04
C THR B 345 -19.78 6.62 19.88
N ALA B 346 -19.95 7.37 20.99
CA ALA B 346 -20.36 8.78 20.89
C ALA B 346 -19.23 9.57 20.20
N LEU B 347 -17.98 9.33 20.57
CA LEU B 347 -16.85 10.02 19.90
C LEU B 347 -16.73 9.54 18.46
N GLY B 348 -16.81 8.22 18.23
CA GLY B 348 -16.70 7.64 16.88
C GLY B 348 -17.67 8.27 15.90
N LYS B 349 -18.94 8.41 16.29
CA LYS B 349 -20.00 8.98 15.42
C LYS B 349 -19.80 10.51 15.25
N LYS B 350 -19.38 11.19 16.29
CA LYS B 350 -19.22 12.67 16.26
C LYS B 350 -18.03 13.00 15.37
N HIS B 351 -16.94 12.29 15.56
CA HIS B 351 -15.74 12.35 14.68
C HIS B 351 -16.14 12.08 13.24
N ALA B 352 -16.86 10.98 12.93
CA ALA B 352 -17.30 10.68 11.54
C ALA B 352 -18.16 11.81 10.98
N GLU B 353 -19.10 12.30 11.75
CA GLU B 353 -20.07 13.32 11.27
C GLU B 353 -19.32 14.59 10.89
N ILE B 354 -18.47 15.06 11.82
CA ILE B 354 -17.61 16.25 11.64
C ILE B 354 -16.74 16.05 10.40
N GLY B 355 -16.11 14.89 10.26
CA GLY B 355 -15.14 14.65 9.18
C GLY B 355 -15.81 14.54 7.83
N LEU B 356 -16.89 13.77 7.75
CA LEU B 356 -17.56 13.56 6.44
C LEU B 356 -18.23 14.85 6.02
N ARG B 357 -18.80 15.60 6.97
CA ARG B 357 -19.46 16.87 6.59
C ARG B 357 -18.40 17.84 6.04
N ALA B 358 -17.24 17.99 6.69
CA ALA B 358 -16.16 18.89 6.24
C ALA B 358 -15.79 18.59 4.79
N VAL B 359 -15.70 17.31 4.45
CA VAL B 359 -15.35 16.88 3.07
C VAL B 359 -16.48 17.23 2.10
N LEU B 360 -17.69 16.75 2.39
CA LEU B 360 -18.81 16.88 1.43
C LEU B 360 -19.16 18.36 1.26
N ALA B 361 -18.99 19.20 2.28
CA ALA B 361 -19.39 20.62 2.23
C ALA B 361 -18.45 21.38 1.31
N ALA B 362 -17.18 20.96 1.25
CA ALA B 362 -16.14 21.80 0.59
C ALA B 362 -15.68 21.21 -0.75
N MET B 363 -15.95 19.94 -1.06
CA MET B 363 -15.42 19.29 -2.29
C MET B 363 -16.62 18.83 -3.11
N PRO B 364 -17.20 19.74 -3.93
CA PRO B 364 -18.43 19.44 -4.63
C PRO B 364 -18.14 18.37 -5.68
N ARG B 365 -19.07 17.42 -5.79
CA ARG B 365 -19.08 16.37 -6.84
C ARG B 365 -17.82 15.52 -6.62
N LEU B 366 -17.63 15.06 -5.39
CA LEU B 366 -16.47 14.23 -5.00
C LEU B 366 -16.57 12.92 -5.76
N ARG B 367 -15.48 12.54 -6.44
CA ARG B 367 -15.44 11.36 -7.33
C ARG B 367 -14.12 10.60 -7.09
N LEU B 368 -14.17 9.28 -7.21
CA LEU B 368 -12.97 8.42 -7.37
C LEU B 368 -12.23 8.91 -8.61
N ALA B 369 -10.92 9.15 -8.51
CA ALA B 369 -10.10 9.65 -9.62
C ALA B 369 -9.51 8.48 -10.44
N VAL B 370 -9.73 7.24 -9.99
CA VAL B 370 -9.25 6.01 -10.68
C VAL B 370 -10.44 5.06 -10.77
N PRO B 371 -10.45 4.13 -11.75
CA PRO B 371 -11.43 3.06 -11.78
C PRO B 371 -11.35 2.26 -10.47
N VAL B 372 -12.50 1.83 -9.96
CA VAL B 372 -12.59 1.20 -8.61
C VAL B 372 -11.72 -0.06 -8.60
N GLU B 373 -11.55 -0.74 -9.74
CA GLU B 373 -10.70 -1.96 -9.85
C GLU B 373 -9.21 -1.59 -9.72
N GLN B 374 -8.84 -0.31 -9.74
CA GLN B 374 -7.42 0.11 -9.57
C GLN B 374 -7.08 0.42 -8.11
N LEU B 375 -8.02 0.28 -7.17
CA LEU B 375 -7.72 0.43 -5.73
C LEU B 375 -6.88 -0.78 -5.30
N VAL B 376 -5.96 -0.59 -4.35
CA VAL B 376 -5.08 -1.70 -3.89
C VAL B 376 -5.55 -2.05 -2.48
N TRP B 377 -6.14 -3.21 -2.30
CA TRP B 377 -6.70 -3.63 -0.98
C TRP B 377 -5.62 -4.19 -0.10
N ARG B 378 -5.47 -3.62 1.09
CA ARG B 378 -4.53 -4.19 2.09
C ARG B 378 -4.94 -5.63 2.40
N THR B 379 -3.98 -6.55 2.41
CA THR B 379 -4.25 -7.96 2.73
C THR B 379 -3.72 -8.24 4.14
N GLY B 380 -4.17 -9.33 4.76
CA GLY B 380 -3.55 -9.89 5.98
C GLY B 380 -3.71 -8.94 7.14
N PHE B 381 -4.82 -8.20 7.16
CA PHE B 381 -4.99 -7.06 8.09
C PHE B 381 -6.37 -7.10 8.76
N MET B 382 -6.48 -6.58 9.96
CA MET B 382 -7.76 -6.63 10.71
C MET B 382 -8.84 -5.82 9.98
N LYS B 383 -8.47 -4.79 9.22
CA LYS B 383 -9.44 -3.97 8.45
C LYS B 383 -9.27 -4.20 6.96
N ARG B 384 -10.35 -4.04 6.20
CA ARG B 384 -10.30 -3.79 4.76
C ARG B 384 -10.02 -2.32 4.57
N LEU B 385 -9.02 -2.01 3.77
CA LEU B 385 -8.53 -0.63 3.58
C LEU B 385 -7.93 -0.53 2.19
N PRO B 386 -8.24 0.49 1.39
CA PRO B 386 -7.45 0.76 0.19
C PRO B 386 -6.14 1.40 0.65
N GLU B 387 -5.03 1.04 0.02
CA GLU B 387 -3.71 1.59 0.39
C GLU B 387 -3.68 3.08 0.10
N ARG B 388 -4.28 3.44 -1.04
CA ARG B 388 -4.50 4.86 -1.42
C ARG B 388 -5.96 5.04 -1.84
N LEU B 389 -6.51 6.24 -1.69
CA LEU B 389 -7.89 6.54 -2.12
C LEU B 389 -7.90 7.86 -2.88
N PRO B 390 -7.55 7.79 -4.18
CA PRO B 390 -7.37 8.96 -5.03
C PRO B 390 -8.74 9.53 -5.42
N VAL B 391 -8.96 10.81 -5.09
CA VAL B 391 -10.27 11.47 -5.32
C VAL B 391 -10.02 12.74 -6.15
N MET B 392 -11.05 13.12 -6.89
CA MET B 392 -11.11 14.42 -7.59
C MET B 392 -12.47 15.08 -7.27
N TRP B 393 -12.64 16.34 -7.62
CA TRP B 393 -13.89 17.08 -7.31
C TRP B 393 -14.04 18.22 -8.31
N GLY B 394 -15.18 18.92 -8.32
CA GLY B 394 -15.36 20.11 -9.18
C GLY B 394 -15.97 19.77 -10.53
N SER B 395 -16.14 20.78 -11.40
CA SER B 395 -16.86 20.66 -12.71
C SER B 395 -15.93 19.99 -13.74
CHA HEM C . 13.78 0.99 -21.62
CHB HEM C . 14.50 -1.65 -17.61
CHC HEM C . 16.68 2.17 -15.57
CHD HEM C . 15.06 4.94 -19.17
C1A HEM C . 13.82 -0.04 -20.71
C2A HEM C . 13.39 -1.37 -21.01
C3A HEM C . 13.57 -2.12 -19.88
C4A HEM C . 14.14 -1.27 -18.90
CMA HEM C . 13.24 -3.58 -19.68
CAA HEM C . 12.83 -1.94 -22.32
CBA HEM C . 11.36 -1.64 -22.56
CGA HEM C . 10.88 -2.32 -23.85
O1A HEM C . 9.70 -2.17 -24.16
O2A HEM C . 11.58 -3.04 -24.61
C1B HEM C . 15.16 -0.80 -16.67
C2B HEM C . 15.60 -1.24 -15.39
C3B HEM C . 16.22 -0.17 -14.81
C4B HEM C . 16.18 0.91 -15.81
CMB HEM C . 15.36 -2.63 -14.84
CAB HEM C . 16.92 0.00 -13.53
CBB HEM C . 17.42 -1.06 -12.92
C1C HEM C . 16.42 3.30 -16.34
C2C HEM C . 16.78 4.61 -16.05
C3C HEM C . 16.28 5.37 -17.09
C4C HEM C . 15.63 4.51 -17.99
CMC HEM C . 17.56 5.06 -14.84
CAC HEM C . 16.31 6.82 -17.32
CBC HEM C . 16.80 7.68 -16.45
C1D HEM C . 14.59 4.06 -20.16
C2D HEM C . 14.01 4.52 -21.44
C3D HEM C . 13.64 3.41 -22.12
C4D HEM C . 14.03 2.27 -21.27
CMD HEM C . 13.86 5.99 -21.89
CAD HEM C . 12.97 3.34 -23.49
CBD HEM C . 14.01 3.12 -24.57
CGD HEM C . 13.40 3.01 -25.99
O1D HEM C . 14.15 2.81 -26.97
O2D HEM C . 12.18 3.07 -26.22
NA HEM C . 14.30 -0.02 -19.42
NB HEM C . 15.53 0.46 -16.87
NC HEM C . 15.79 3.23 -17.53
ND HEM C . 14.56 2.73 -20.12
FE HEM C . 15.30 1.57 -18.61
CHA HEM D . -14.62 -2.12 21.00
CHB HEM D . -15.84 -0.50 16.57
CHC HEM D . -14.12 3.91 17.67
CHD HEM D . -12.05 1.99 21.62
C1A HEM D . -15.14 -2.02 19.74
C2A HEM D . -15.81 -3.09 19.08
C3A HEM D . -16.14 -2.65 17.84
C4A HEM D . -15.66 -1.32 17.70
CMA HEM D . -16.87 -3.46 16.80
CAA HEM D . -16.16 -4.44 19.69
CBA HEM D . -15.06 -5.50 19.61
CGA HEM D . -15.55 -6.84 20.15
O1A HEM D . -14.78 -7.84 20.26
O2A HEM D . -16.75 -6.97 20.47
C1B HEM D . -15.46 0.85 16.52
C2B HEM D . -15.72 1.67 15.37
C3B HEM D . -15.23 2.92 15.71
C4B HEM D . -14.71 2.83 17.06
CMB HEM D . -16.38 1.26 14.04
CAB HEM D . -15.22 4.20 14.99
CBB HEM D . -15.97 4.49 13.92
C1C HEM D . -13.38 3.80 18.83
C2C HEM D . -12.60 4.81 19.43
C3C HEM D . -12.01 4.22 20.55
C4C HEM D . -12.43 2.88 20.61
CMC HEM D . -12.60 6.25 18.96
CAC HEM D . -11.13 4.77 21.59
CBC HEM D . -10.65 5.98 21.64
C1D HEM D . -12.59 0.70 21.78
C2D HEM D . -12.26 -0.20 22.90
C3D HEM D . -12.98 -1.34 22.72
C4D HEM D . -13.77 -1.14 21.50
CMD HEM D . -11.27 0.05 24.03
CAD HEM D . -12.96 -2.57 23.57
CBD HEM D . -14.10 -2.54 24.56
CGD HEM D . -14.16 -3.74 25.48
O1D HEM D . -15.07 -3.78 26.35
O2D HEM D . -13.36 -4.70 25.37
NA HEM D . -15.06 -0.94 18.87
NB HEM D . -14.89 1.58 17.50
NC HEM D . -13.26 2.64 19.52
ND HEM D . -13.50 0.09 21.00
FE HEM D . -14.40 0.94 19.38
#